data_7NF2
#
_entry.id   7NF2
#
_cell.length_a   74.540
_cell.length_b   74.540
_cell.length_c   345.360
_cell.angle_alpha   90.00
_cell.angle_beta   90.00
_cell.angle_gamma   120.00
#
_symmetry.space_group_name_H-M   'P 32 2 1'
#
loop_
_entity.id
_entity.type
_entity.pdbx_description
1 polymer 'Ferulic acid decarboxylase 1'
2 non-polymer 'ACETATE ION'
3 non-polymer 'prFMN cofactor and crotonic acid adduct'
4 non-polymer 'POTASSIUM ION'
5 non-polymer 'MANGANESE (II) ION'
6 water water
#
_entity_poly.entity_id   1
_entity_poly.type   'polypeptide(L)'
_entity_poly.pdbx_seq_one_letter_code
;MHHHHHHMSSTTYKSEAFDPEPPHLSFRSFVNALRQDGDLVDINEPVDPDLEAAAITRLVCETDDKAPLFNNVIGAKDGL
WRILGAPASLRSSPKERFGRLARHLALPPTASAKDILDKMLSANSIPPIEPVIVPTGPVKENSIEGENIDLEALPAPMVH
QSDGGKYIQTYGMHVIQSPDGCWTNWSIARAMVSGKRTLAGLVISPQHIRKIQDQWRAIGQEEIPWALAFGVPPTAIMAS
SMPIPDGVSEAGYVGAIAGEPIKLVKCDTNNLYVPANSEIVLEGTLSTTKMAPEGPFGEMHGYVYPGESHPAPVYTVNKI
TYRNNAILPMSACGRLTDETQTMIGTLAAAEIRQLCQRAGLPITDAFAPFVGQATWVALKVDTHRLRAMKTNGKAFAKRV
GDVVFTQKVGYMIHRLILVGDDIDVYDDKDVMWAFATRCRPGTDEVFFDDVPGFWLIPYMSHGNAEAIKGGKVVSDALLT
AEYTTGKDWESADFKNSYPKSIQDKVLNSWERLGFKKLD
;
_entity_poly.pdbx_strand_id   A,B
#
loop_
_chem_comp.id
_chem_comp.type
_chem_comp.name
_chem_comp.formula
ACT non-polymer 'ACETATE ION' 'C2 H3 O2 -1'
JRH non-polymer 'prFMN cofactor and crotonic acid adduct' 'C25 H35 N4 O9 P'
K non-polymer 'POTASSIUM ION' 'K 1'
MN non-polymer 'MANGANESE (II) ION' 'Mn 2'
#
# COMPACT_ATOMS: atom_id res chain seq x y z
N PRO A 22 -32.25 12.39 16.11
CA PRO A 22 -31.07 12.79 15.32
C PRO A 22 -30.48 11.61 14.54
N PRO A 23 -29.73 11.89 13.46
CA PRO A 23 -29.18 10.85 12.59
C PRO A 23 -28.45 9.72 13.30
N HIS A 24 -27.69 9.96 14.35
CA HIS A 24 -26.93 8.89 15.04
C HIS A 24 -27.88 8.02 15.85
N LEU A 25 -29.11 8.43 16.06
CA LEU A 25 -30.06 7.71 16.94
C LEU A 25 -31.21 7.14 16.13
N SER A 26 -31.30 7.33 14.84
CA SER A 26 -32.40 6.82 14.00
C SER A 26 -31.85 6.53 12.62
N PHE A 27 -32.01 5.30 12.17
CA PHE A 27 -31.53 4.93 10.84
C PHE A 27 -32.28 5.76 9.79
N ARG A 28 -33.57 5.98 9.98
CA ARG A 28 -34.33 6.76 8.99
C ARG A 28 -33.77 8.18 8.92
N SER A 29 -33.51 8.80 10.08
N SER A 29 -33.42 8.76 10.06
CA SER A 29 -32.89 10.15 10.12
CA SER A 29 -32.88 10.13 10.09
C SER A 29 -31.54 10.09 9.39
C SER A 29 -31.45 10.16 9.55
N PHE A 30 -30.75 9.05 9.63
CA PHE A 30 -29.42 8.86 9.04
C PHE A 30 -29.52 8.87 7.53
N VAL A 31 -30.46 8.12 6.98
CA VAL A 31 -30.66 8.04 5.52
C VAL A 31 -30.91 9.47 5.02
N ASN A 32 -31.78 10.21 5.68
CA ASN A 32 -32.05 11.59 5.24
C ASN A 32 -30.80 12.44 5.40
N ALA A 33 -29.99 12.23 6.41
CA ALA A 33 -28.74 13.00 6.56
C ALA A 33 -27.84 12.74 5.36
N LEU A 34 -27.73 11.47 4.91
CA LEU A 34 -26.91 11.21 3.70
C LEU A 34 -27.51 11.93 2.51
N ARG A 35 -28.81 11.97 2.37
CA ARG A 35 -29.49 12.66 1.24
C ARG A 35 -29.12 14.15 1.36
N GLN A 36 -29.22 14.73 2.54
CA GLN A 36 -28.92 16.19 2.73
C GLN A 36 -27.47 16.44 2.34
N ASP A 37 -26.55 15.50 2.62
CA ASP A 37 -25.12 15.67 2.36
C ASP A 37 -24.78 15.47 0.87
N GLY A 38 -25.72 15.09 0.04
CA GLY A 38 -25.42 14.68 -1.35
C GLY A 38 -24.60 13.40 -1.38
N ASP A 39 -24.87 12.50 -0.43
CA ASP A 39 -24.09 11.24 -0.32
C ASP A 39 -25.02 10.05 -0.54
N LEU A 40 -26.12 10.20 -1.24
CA LEU A 40 -27.13 9.17 -1.41
C LEU A 40 -27.78 9.29 -2.77
N VAL A 41 -27.89 8.19 -3.48
CA VAL A 41 -28.65 8.14 -4.76
C VAL A 41 -29.96 7.43 -4.50
N ASP A 42 -31.08 8.06 -4.76
CA ASP A 42 -32.42 7.45 -4.70
C ASP A 42 -32.63 6.73 -6.01
N ILE A 43 -32.58 5.40 -6.00
CA ILE A 43 -32.84 4.62 -7.24
C ILE A 43 -34.30 4.23 -7.22
N ASN A 44 -35.11 4.83 -8.11
CA ASN A 44 -36.56 4.62 -8.12
C ASN A 44 -36.96 3.64 -9.22
N GLU A 45 -36.02 3.29 -10.10
CA GLU A 45 -36.19 2.26 -11.15
C GLU A 45 -36.24 0.92 -10.45
N PRO A 46 -36.93 -0.09 -10.98
CA PRO A 46 -36.87 -1.44 -10.40
C PRO A 46 -35.47 -2.02 -10.46
N VAL A 47 -35.02 -2.60 -9.31
CA VAL A 47 -33.70 -3.23 -9.17
C VAL A 47 -33.93 -4.62 -8.58
N ASP A 48 -33.33 -5.61 -9.21
CA ASP A 48 -33.47 -7.01 -8.75
C ASP A 48 -32.59 -7.21 -7.51
N PRO A 49 -33.17 -7.77 -6.45
CA PRO A 49 -32.37 -8.13 -5.27
C PRO A 49 -31.51 -9.36 -5.57
N ASP A 50 -31.80 -10.09 -6.64
CA ASP A 50 -30.91 -11.17 -7.12
C ASP A 50 -29.76 -10.55 -7.92
N LEU A 51 -28.68 -10.26 -7.24
CA LEU A 51 -27.38 -9.78 -7.75
C LEU A 51 -27.35 -8.32 -8.15
N GLU A 52 -28.40 -7.76 -8.75
CA GLU A 52 -28.25 -6.40 -9.33
C GLU A 52 -28.01 -5.36 -8.24
N ALA A 53 -28.79 -5.39 -7.17
CA ALA A 53 -28.61 -4.39 -6.09
C ALA A 53 -27.19 -4.50 -5.53
N ALA A 54 -26.72 -5.73 -5.27
CA ALA A 54 -25.37 -5.92 -4.73
C ALA A 54 -24.29 -5.51 -5.73
N ALA A 55 -24.51 -5.75 -7.04
CA ALA A 55 -23.52 -5.35 -8.04
C ALA A 55 -23.34 -3.82 -8.07
N ILE A 56 -24.45 -3.11 -7.99
CA ILE A 56 -24.41 -1.62 -7.91
C ILE A 56 -23.64 -1.27 -6.63
N THR A 57 -24.04 -1.88 -5.50
CA THR A 57 -23.38 -1.56 -4.21
C THR A 57 -21.88 -1.86 -4.31
N ARG A 58 -21.51 -3.02 -4.83
CA ARG A 58 -20.12 -3.41 -4.94
C ARG A 58 -19.33 -2.36 -5.71
N LEU A 59 -19.89 -1.87 -6.82
CA LEU A 59 -19.15 -0.87 -7.63
C LEU A 59 -19.08 0.46 -6.90
N VAL A 60 -20.13 0.81 -6.16
CA VAL A 60 -20.06 2.01 -5.26
C VAL A 60 -18.89 1.84 -4.32
N CYS A 61 -18.75 0.66 -3.68
CA CYS A 61 -17.68 0.45 -2.69
C CYS A 61 -16.29 0.50 -3.33
N GLU A 62 -16.16 -0.01 -4.56
CA GLU A 62 -14.86 -0.04 -5.24
C GLU A 62 -14.48 1.34 -5.79
N THR A 63 -15.43 2.25 -5.85
CA THR A 63 -15.20 3.61 -6.42
C THR A 63 -15.50 4.70 -5.39
N ASP A 64 -15.83 4.37 -4.15
CA ASP A 64 -16.11 5.37 -3.08
C ASP A 64 -17.23 6.30 -3.56
N ASP A 65 -18.27 5.80 -4.18
CA ASP A 65 -19.38 6.64 -4.63
C ASP A 65 -20.44 6.81 -3.52
N LYS A 66 -21.51 7.50 -3.87
CA LYS A 66 -22.64 7.76 -2.99
C LYS A 66 -23.34 6.46 -2.64
N ALA A 67 -23.91 6.41 -1.44
CA ALA A 67 -24.63 5.20 -1.02
C ALA A 67 -25.86 5.04 -1.89
N PRO A 68 -26.16 3.83 -2.39
CA PRO A 68 -27.36 3.57 -3.18
C PRO A 68 -28.55 3.17 -2.32
N LEU A 69 -29.68 3.86 -2.44
CA LEU A 69 -30.93 3.54 -1.77
C LEU A 69 -31.86 3.02 -2.83
N PHE A 70 -32.14 1.72 -2.79
CA PHE A 70 -33.02 1.03 -3.76
C PHE A 70 -34.41 1.18 -3.19
N ASN A 71 -35.18 2.14 -3.74
CA ASN A 71 -36.56 2.39 -3.32
C ASN A 71 -37.59 1.49 -4.02
N ASN A 72 -37.16 0.71 -5.02
CA ASN A 72 -38.04 -0.11 -5.84
C ASN A 72 -37.34 -1.44 -6.08
N VAL A 73 -37.37 -2.29 -5.05
CA VAL A 73 -36.79 -3.63 -5.11
C VAL A 73 -37.84 -4.59 -5.69
N ILE A 74 -37.44 -5.27 -6.75
CA ILE A 74 -38.31 -6.26 -7.42
C ILE A 74 -38.69 -7.35 -6.41
N GLY A 75 -39.98 -7.60 -6.24
CA GLY A 75 -40.46 -8.63 -5.30
C GLY A 75 -40.83 -8.03 -3.97
N ALA A 76 -40.61 -6.75 -3.73
CA ALA A 76 -41.05 -6.13 -2.46
C ALA A 76 -42.58 -6.19 -2.39
N LYS A 77 -43.09 -6.40 -1.18
CA LYS A 77 -44.54 -6.49 -0.94
C LYS A 77 -44.84 -5.92 0.45
N ASP A 78 -45.88 -5.11 0.58
CA ASP A 78 -46.47 -4.68 1.87
C ASP A 78 -45.42 -3.97 2.72
N GLY A 79 -44.51 -3.27 2.07
CA GLY A 79 -43.48 -2.47 2.73
C GLY A 79 -42.20 -3.23 3.02
N LEU A 80 -42.08 -4.51 2.70
CA LEU A 80 -40.79 -5.23 2.85
C LEU A 80 -40.21 -5.51 1.47
N TRP A 81 -39.11 -4.90 1.08
CA TRP A 81 -38.45 -3.79 1.75
C TRP A 81 -37.72 -3.00 0.66
N ARG A 82 -37.25 -1.81 1.02
CA ARG A 82 -36.21 -1.08 0.29
C ARG A 82 -34.86 -1.59 0.75
N ILE A 83 -33.79 -1.26 0.05
CA ILE A 83 -32.43 -1.68 0.48
C ILE A 83 -31.51 -0.47 0.46
N LEU A 84 -30.71 -0.25 1.49
CA LEU A 84 -29.60 0.73 1.48
C LEU A 84 -28.32 -0.04 1.36
N GLY A 85 -27.58 0.12 0.28
CA GLY A 85 -26.23 -0.45 0.19
C GLY A 85 -25.17 0.48 0.73
N ALA A 86 -24.01 -0.07 1.03
CA ALA A 86 -22.81 0.68 1.39
C ALA A 86 -23.08 1.66 2.51
N PRO A 87 -23.72 1.28 3.62
CA PRO A 87 -24.10 2.21 4.65
C PRO A 87 -22.94 2.85 5.39
N ALA A 88 -21.76 2.25 5.36
CA ALA A 88 -20.61 2.83 6.07
C ALA A 88 -19.34 2.69 5.24
N SER A 89 -19.49 2.79 3.92
CA SER A 89 -18.34 2.80 3.01
C SER A 89 -17.78 4.23 2.87
N LEU A 90 -16.77 4.41 2.04
CA LEU A 90 -16.04 5.70 1.98
C LEU A 90 -16.64 6.63 0.93
N ARG A 91 -16.47 7.93 1.20
CA ARG A 91 -16.81 8.96 0.20
C ARG A 91 -15.56 9.28 -0.61
N SER A 92 -15.73 9.89 -1.79
CA SER A 92 -14.55 10.11 -2.67
C SER A 92 -13.81 11.41 -2.32
N SER A 93 -14.47 12.38 -1.70
CA SER A 93 -13.78 13.66 -1.32
C SER A 93 -12.75 13.35 -0.25
N PRO A 94 -11.44 13.62 -0.40
CA PRO A 94 -10.49 13.34 0.67
C PRO A 94 -10.86 14.05 1.99
N LYS A 95 -11.46 15.23 1.93
CA LYS A 95 -11.74 15.97 3.19
C LYS A 95 -12.96 15.40 3.92
N GLU A 96 -13.79 14.62 3.23
CA GLU A 96 -14.99 14.01 3.90
C GLU A 96 -14.98 12.49 3.65
N ARG A 97 -13.80 11.89 3.54
CA ARG A 97 -13.68 10.44 3.20
C ARG A 97 -14.49 9.58 4.17
N PHE A 98 -14.45 9.88 5.46
CA PHE A 98 -15.10 9.08 6.53
C PHE A 98 -16.48 9.64 6.86
N GLY A 99 -17.07 10.51 6.03
CA GLY A 99 -18.29 11.22 6.41
C GLY A 99 -19.47 10.31 6.69
N ARG A 100 -19.58 9.21 5.93
CA ARG A 100 -20.72 8.31 6.13
C ARG A 100 -20.57 7.59 7.47
N LEU A 101 -19.37 7.28 7.90
CA LEU A 101 -19.11 6.77 9.26
C LEU A 101 -19.40 7.88 10.28
N ALA A 102 -18.96 9.11 10.01
CA ALA A 102 -19.18 10.22 10.96
C ALA A 102 -20.67 10.42 11.20
N ARG A 103 -21.49 10.26 10.18
CA ARG A 103 -22.94 10.43 10.31
C ARG A 103 -23.57 9.32 11.15
N HIS A 104 -22.83 8.25 11.44
CA HIS A 104 -23.34 7.23 12.42
C HIS A 104 -23.19 7.74 13.84
N LEU A 105 -22.39 8.80 14.10
CA LEU A 105 -21.82 9.04 15.43
C LEU A 105 -21.92 10.51 15.86
N ALA A 106 -22.71 11.33 15.18
CA ALA A 106 -22.92 12.76 15.61
C ALA A 106 -21.60 13.54 15.42
N LEU A 107 -20.76 13.14 14.48
CA LEU A 107 -19.51 13.82 14.13
C LEU A 107 -19.67 14.52 12.80
N PRO A 108 -18.86 15.54 12.51
CA PRO A 108 -19.01 16.21 11.23
C PRO A 108 -18.46 15.36 10.10
N PRO A 109 -18.89 15.61 8.87
CA PRO A 109 -18.47 14.77 7.74
C PRO A 109 -16.96 14.80 7.48
N THR A 110 -16.31 15.83 7.99
CA THR A 110 -14.85 16.04 7.94
C THR A 110 -14.09 15.31 9.03
N ALA A 111 -14.75 14.50 9.88
CA ALA A 111 -14.07 13.78 10.96
C ALA A 111 -12.97 12.85 10.41
N SER A 112 -11.87 12.85 11.10
CA SER A 112 -10.75 11.92 10.82
C SER A 112 -11.12 10.52 11.32
N ALA A 113 -10.35 9.55 10.84
CA ALA A 113 -10.48 8.16 11.35
C ALA A 113 -10.20 8.19 12.85
N LYS A 114 -9.22 8.93 13.34
CA LYS A 114 -8.95 9.04 14.76
C LYS A 114 -10.18 9.60 15.51
N ASP A 115 -10.84 10.63 14.97
CA ASP A 115 -12.02 11.21 15.65
C ASP A 115 -13.06 10.10 15.84
N ILE A 116 -13.23 9.30 14.80
CA ILE A 116 -14.29 8.24 14.88
C ILE A 116 -13.88 7.20 15.92
N LEU A 117 -12.65 6.73 15.90
CA LEU A 117 -12.24 5.68 16.86
C LEU A 117 -12.24 6.23 18.28
N ASP A 118 -11.78 7.48 18.44
CA ASP A 118 -11.82 8.11 19.78
C ASP A 118 -13.25 8.18 20.31
N LYS A 119 -14.21 8.52 19.44
CA LYS A 119 -15.62 8.65 19.88
C LYS A 119 -16.14 7.25 20.29
N MET A 120 -15.79 6.23 19.51
CA MET A 120 -16.23 4.87 19.87
C MET A 120 -15.58 4.39 21.17
N LEU A 121 -14.34 4.78 21.46
CA LEU A 121 -13.70 4.42 22.74
C LEU A 121 -14.18 5.29 23.92
N SER A 122 -14.83 6.40 23.66
CA SER A 122 -15.16 7.42 24.68
C SER A 122 -15.99 6.78 25.78
N ALA A 123 -16.86 5.79 25.53
CA ALA A 123 -17.75 5.20 26.53
C ALA A 123 -17.00 4.22 27.44
N ASN A 124 -15.73 3.93 27.20
N ASN A 124 -15.73 3.98 27.14
CA ASN A 124 -15.08 2.90 28.06
CA ASN A 124 -14.92 3.02 27.93
C ASN A 124 -14.52 3.56 29.32
C ASN A 124 -14.79 3.57 29.36
N SER A 125 -14.62 4.88 29.48
CA SER A 125 -14.09 5.55 30.70
C SER A 125 -15.20 6.30 31.43
N ILE A 126 -16.46 6.02 31.12
CA ILE A 126 -17.59 6.80 31.70
C ILE A 126 -18.74 5.86 31.96
N PRO A 127 -19.63 6.20 32.89
CA PRO A 127 -20.74 5.31 33.21
C PRO A 127 -21.62 5.08 32.00
N PRO A 128 -22.12 3.85 31.88
CA PRO A 128 -23.13 3.60 30.84
C PRO A 128 -24.32 4.54 31.03
N ILE A 129 -25.02 4.83 29.93
CA ILE A 129 -26.35 5.51 30.03
C ILE A 129 -27.33 4.41 29.63
N GLU A 130 -28.05 3.89 30.61
CA GLU A 130 -28.90 2.71 30.37
C GLU A 130 -30.03 3.09 29.44
N PRO A 131 -30.50 2.14 28.64
CA PRO A 131 -31.61 2.37 27.71
C PRO A 131 -32.88 2.66 28.50
N VAL A 132 -33.80 3.32 27.85
CA VAL A 132 -35.13 3.56 28.44
C VAL A 132 -36.15 2.77 27.63
N ILE A 133 -37.25 2.40 28.25
CA ILE A 133 -38.29 1.55 27.64
C ILE A 133 -39.42 2.45 27.19
N VAL A 134 -39.91 2.24 26.00
CA VAL A 134 -41.14 2.89 25.48
C VAL A 134 -42.12 1.79 25.15
N PRO A 135 -43.43 2.08 25.17
CA PRO A 135 -44.42 1.04 24.95
C PRO A 135 -44.63 0.63 23.50
N THR A 136 -44.19 1.48 22.58
CA THR A 136 -44.31 1.21 21.14
C THR A 136 -43.29 2.06 20.41
N GLY A 137 -43.25 1.93 19.10
CA GLY A 137 -42.44 2.78 18.25
C GLY A 137 -42.67 2.40 16.82
N PRO A 138 -41.97 3.06 15.88
CA PRO A 138 -42.18 2.84 14.47
C PRO A 138 -41.99 1.39 14.04
N VAL A 139 -41.12 0.65 14.76
CA VAL A 139 -40.88 -0.77 14.38
C VAL A 139 -42.13 -1.64 14.60
N LYS A 140 -43.17 -1.14 15.24
CA LYS A 140 -44.43 -1.89 15.49
C LYS A 140 -45.48 -1.49 14.46
N GLU A 141 -45.15 -0.71 13.46
CA GLU A 141 -46.19 -0.23 12.51
C GLU A 141 -46.81 -1.38 11.70
N ASN A 142 -46.09 -2.48 11.47
CA ASN A 142 -46.52 -3.61 10.62
C ASN A 142 -46.00 -4.90 11.24
N SER A 143 -46.73 -5.98 11.06
CA SER A 143 -46.22 -7.30 11.47
C SER A 143 -46.62 -8.40 10.53
N ILE A 144 -45.82 -9.45 10.51
CA ILE A 144 -46.17 -10.76 9.91
C ILE A 144 -45.90 -11.81 10.99
N GLU A 145 -46.79 -12.75 11.21
CA GLU A 145 -46.51 -13.71 12.31
C GLU A 145 -46.62 -15.17 11.89
N GLY A 146 -45.78 -16.02 12.50
CA GLY A 146 -45.97 -17.48 12.45
C GLY A 146 -46.06 -17.98 11.05
N GLU A 147 -47.14 -18.74 10.72
CA GLU A 147 -47.25 -19.48 9.44
C GLU A 147 -47.32 -18.46 8.29
N ASN A 148 -47.58 -17.19 8.59
CA ASN A 148 -47.66 -16.22 7.49
C ASN A 148 -46.25 -15.82 7.03
N ILE A 149 -45.23 -16.21 7.78
CA ILE A 149 -43.84 -15.84 7.41
C ILE A 149 -43.37 -16.82 6.34
N ASP A 150 -42.86 -16.28 5.27
CA ASP A 150 -42.11 -17.07 4.28
C ASP A 150 -40.86 -16.28 3.89
N LEU A 151 -39.74 -16.63 4.49
CA LEU A 151 -38.50 -15.84 4.25
C LEU A 151 -38.03 -16.03 2.82
N GLU A 152 -38.38 -17.14 2.17
CA GLU A 152 -37.92 -17.36 0.79
C GLU A 152 -38.72 -16.52 -0.19
N ALA A 153 -39.84 -15.96 0.20
CA ALA A 153 -40.69 -15.08 -0.62
C ALA A 153 -40.33 -13.59 -0.41
N LEU A 154 -39.46 -13.26 0.54
CA LEU A 154 -39.06 -11.85 0.78
C LEU A 154 -37.89 -11.54 -0.14
N PRO A 155 -37.68 -10.25 -0.49
CA PRO A 155 -36.60 -9.89 -1.40
C PRO A 155 -35.22 -9.78 -0.73
N ALA A 156 -34.82 -10.85 -0.06
CA ALA A 156 -33.48 -10.95 0.51
C ALA A 156 -32.49 -10.98 -0.64
N PRO A 157 -31.41 -10.20 -0.55
CA PRO A 157 -30.48 -10.10 -1.67
C PRO A 157 -29.57 -11.32 -1.86
N MET A 158 -29.29 -11.63 -3.11
CA MET A 158 -28.14 -12.48 -3.46
C MET A 158 -26.95 -11.54 -3.62
N VAL A 159 -26.02 -11.60 -2.68
CA VAL A 159 -25.01 -10.54 -2.54
C VAL A 159 -23.80 -10.79 -3.45
N HIS A 160 -23.47 -12.04 -3.72
CA HIS A 160 -22.42 -12.43 -4.66
C HIS A 160 -22.87 -13.71 -5.38
N GLN A 161 -22.48 -13.87 -6.64
CA GLN A 161 -23.09 -14.94 -7.48
C GLN A 161 -22.83 -16.33 -6.90
N SER A 162 -21.70 -16.52 -6.22
CA SER A 162 -21.32 -17.87 -5.73
C SER A 162 -21.68 -18.04 -4.25
N ASP A 163 -22.45 -17.13 -3.66
CA ASP A 163 -22.90 -17.32 -2.24
C ASP A 163 -23.79 -18.58 -2.11
N GLY A 164 -23.82 -19.15 -0.91
CA GLY A 164 -24.64 -20.35 -0.68
C GLY A 164 -26.07 -20.07 -0.41
N GLY A 165 -26.47 -18.81 -0.33
CA GLY A 165 -27.86 -18.42 -0.10
C GLY A 165 -28.00 -16.92 -0.13
N LYS A 166 -29.20 -16.46 0.14
CA LYS A 166 -29.53 -15.02 0.14
C LYS A 166 -29.20 -14.45 1.52
N TYR A 167 -28.15 -13.63 1.58
CA TYR A 167 -27.64 -13.05 2.83
C TYR A 167 -28.51 -11.84 3.21
N ILE A 168 -29.66 -12.08 3.78
CA ILE A 168 -30.57 -11.09 4.38
C ILE A 168 -29.79 -10.28 5.41
N GLN A 169 -28.89 -10.94 6.14
CA GLN A 169 -28.24 -10.37 7.33
C GLN A 169 -26.78 -10.10 7.05
N THR A 170 -26.48 -8.84 6.70
CA THR A 170 -25.12 -8.32 6.52
C THR A 170 -24.92 -7.03 7.34
N TYR A 171 -25.96 -6.41 7.87
CA TYR A 171 -25.73 -5.14 8.59
C TYR A 171 -26.81 -4.91 9.63
N GLY A 172 -27.46 -5.98 10.09
CA GLY A 172 -28.33 -5.98 11.27
C GLY A 172 -27.61 -6.38 12.56
N MET A 173 -28.31 -6.17 13.64
CA MET A 173 -27.81 -6.37 15.01
C MET A 173 -28.54 -7.59 15.61
N HIS A 174 -27.78 -8.63 15.91
CA HIS A 174 -28.32 -9.74 16.74
C HIS A 174 -28.39 -9.31 18.19
N VAL A 175 -29.52 -9.59 18.80
CA VAL A 175 -29.79 -9.31 20.23
C VAL A 175 -29.92 -10.66 20.94
N ILE A 176 -29.13 -10.88 21.96
CA ILE A 176 -29.21 -12.16 22.70
C ILE A 176 -28.81 -11.86 24.12
N GLN A 177 -29.48 -12.50 25.08
CA GLN A 177 -29.30 -12.23 26.51
C GLN A 177 -28.80 -13.49 27.23
N SER A 178 -27.95 -13.27 28.22
CA SER A 178 -27.39 -14.34 29.06
C SER A 178 -28.48 -14.99 29.90
N PRO A 179 -28.24 -16.23 30.36
CA PRO A 179 -29.22 -16.90 31.25
C PRO A 179 -29.60 -16.14 32.52
N ASP A 180 -28.72 -15.38 33.13
CA ASP A 180 -29.10 -14.62 34.35
C ASP A 180 -29.89 -13.35 34.01
N GLY A 181 -30.07 -13.05 32.72
CA GLY A 181 -30.89 -11.89 32.30
C GLY A 181 -30.09 -10.61 32.28
N CYS A 182 -28.85 -10.59 32.70
CA CYS A 182 -28.17 -9.30 33.03
C CYS A 182 -27.28 -8.80 31.89
N TRP A 183 -26.86 -9.66 31.01
CA TRP A 183 -25.97 -9.25 29.88
C TRP A 183 -26.76 -9.45 28.60
N THR A 184 -27.06 -8.34 27.91
CA THR A 184 -27.67 -8.40 26.57
C THR A 184 -26.62 -7.90 25.59
N ASN A 185 -26.21 -8.78 24.70
CA ASN A 185 -25.19 -8.45 23.71
C ASN A 185 -25.86 -8.09 22.39
N TRP A 186 -25.29 -7.04 21.76
CA TRP A 186 -25.61 -6.62 20.38
C TRP A 186 -24.40 -6.84 19.50
N SER A 187 -24.56 -7.54 18.38
CA SER A 187 -23.41 -7.78 17.50
C SER A 187 -23.85 -8.07 16.08
N ILE A 188 -22.96 -7.83 15.14
CA ILE A 188 -23.18 -8.20 13.74
C ILE A 188 -22.51 -9.53 13.50
N ALA A 189 -23.24 -10.44 12.85
CA ALA A 189 -22.72 -11.70 12.28
C ALA A 189 -23.59 -12.03 11.10
N ARG A 190 -23.00 -12.55 10.05
CA ARG A 190 -23.73 -12.81 8.83
C ARG A 190 -24.81 -13.89 9.03
N ALA A 191 -25.87 -13.84 8.25
CA ALA A 191 -26.83 -14.95 8.19
C ALA A 191 -27.56 -14.90 6.86
N MET A 192 -27.88 -16.09 6.36
CA MET A 192 -28.61 -16.29 5.10
C MET A 192 -29.92 -17.03 5.36
N VAL A 193 -30.85 -16.76 4.49
CA VAL A 193 -32.14 -17.51 4.49
C VAL A 193 -31.85 -18.98 4.18
N SER A 194 -32.37 -19.88 5.02
CA SER A 194 -32.16 -21.34 4.85
C SER A 194 -33.48 -22.06 4.60
N GLY A 195 -34.61 -21.39 4.71
CA GLY A 195 -35.92 -22.03 4.55
C GLY A 195 -37.03 -21.06 4.86
N LYS A 196 -38.25 -21.53 4.84
CA LYS A 196 -39.43 -20.67 5.02
C LYS A 196 -39.32 -19.87 6.31
N ARG A 197 -38.80 -20.46 7.38
CA ARG A 197 -38.85 -19.84 8.72
C ARG A 197 -37.46 -19.78 9.35
N THR A 198 -36.42 -20.10 8.58
CA THR A 198 -35.07 -20.23 9.18
C THR A 198 -34.00 -19.45 8.45
N LEU A 199 -33.03 -19.06 9.26
CA LEU A 199 -31.74 -18.58 8.77
C LEU A 199 -30.66 -19.52 9.27
N ALA A 200 -29.52 -19.46 8.64
CA ALA A 200 -28.30 -20.07 9.17
C ALA A 200 -27.25 -18.98 9.17
N GLY A 201 -26.41 -18.96 10.18
CA GLY A 201 -25.40 -17.89 10.23
C GLY A 201 -24.25 -18.19 11.15
N LEU A 202 -23.14 -17.45 11.00
CA LEU A 202 -21.92 -17.69 11.81
C LEU A 202 -22.16 -17.34 13.27
N VAL A 203 -21.76 -18.27 14.15
CA VAL A 203 -21.81 -18.12 15.61
C VAL A 203 -20.49 -18.66 16.10
N ILE A 204 -19.41 -17.90 15.93
CA ILE A 204 -18.06 -18.45 16.07
C ILE A 204 -17.40 -17.99 17.34
N SER A 205 -16.56 -18.85 17.88
N SER A 205 -16.55 -18.85 17.91
CA SER A 205 -15.64 -18.47 18.96
CA SER A 205 -15.62 -18.47 18.98
C SER A 205 -14.64 -17.44 18.42
C SER A 205 -14.65 -17.44 18.42
N PRO A 206 -14.22 -16.40 19.18
CA PRO A 206 -14.57 -16.11 20.56
C PRO A 206 -15.68 -15.05 20.76
N GLN A 207 -16.58 -14.99 19.82
CA GLN A 207 -17.54 -13.88 19.77
C GLN A 207 -18.55 -14.00 20.90
N HIS A 208 -19.10 -12.88 21.33
CA HIS A 208 -20.07 -12.91 22.45
C HIS A 208 -21.35 -13.63 22.08
N ILE A 209 -21.83 -13.61 20.87
CA ILE A 209 -23.05 -14.39 20.54
C ILE A 209 -22.76 -15.87 20.82
N ARG A 210 -21.56 -16.34 20.50
CA ARG A 210 -21.18 -17.76 20.73
C ARG A 210 -20.98 -17.97 22.22
N LYS A 211 -20.36 -17.08 22.97
CA LYS A 211 -20.16 -17.23 24.43
C LYS A 211 -21.56 -17.41 25.06
N ILE A 212 -22.51 -16.55 24.70
CA ILE A 212 -23.85 -16.62 25.30
C ILE A 212 -24.52 -17.90 24.80
N GLN A 213 -24.42 -18.28 23.55
CA GLN A 213 -25.00 -19.54 23.06
C GLN A 213 -24.51 -20.68 23.94
N ASP A 214 -23.23 -20.67 24.25
CA ASP A 214 -22.62 -21.79 25.00
C ASP A 214 -23.09 -21.71 26.45
N GLN A 215 -23.36 -20.57 27.04
CA GLN A 215 -23.92 -20.47 28.40
C GLN A 215 -25.28 -21.17 28.44
N TRP A 216 -26.11 -20.95 27.44
CA TRP A 216 -27.43 -21.57 27.36
C TRP A 216 -27.26 -23.07 27.15
N ARG A 217 -26.40 -23.49 26.26
CA ARG A 217 -26.20 -24.92 26.00
C ARG A 217 -25.85 -25.61 27.32
N ALA A 218 -25.04 -24.99 28.13
CA ALA A 218 -24.52 -25.63 29.38
C ALA A 218 -25.69 -25.86 30.36
N ILE A 219 -26.77 -25.08 30.29
CA ILE A 219 -27.90 -25.31 31.24
C ILE A 219 -29.01 -26.07 30.56
N GLY A 220 -28.83 -26.54 29.34
CA GLY A 220 -29.76 -27.45 28.66
C GLY A 220 -30.83 -26.79 27.81
N GLN A 221 -30.68 -25.50 27.49
CA GLN A 221 -31.67 -24.81 26.62
C GLN A 221 -31.42 -25.19 25.16
N GLU A 222 -32.42 -25.61 24.43
CA GLU A 222 -32.33 -25.99 23.01
C GLU A 222 -32.51 -24.76 22.11
N GLU A 223 -33.47 -23.89 22.44
CA GLU A 223 -33.83 -22.74 21.58
C GLU A 223 -33.74 -21.49 22.42
N ILE A 224 -32.77 -20.62 22.13
CA ILE A 224 -32.51 -19.41 22.93
C ILE A 224 -33.32 -18.23 22.40
N PRO A 225 -34.04 -17.48 23.23
CA PRO A 225 -34.67 -16.25 22.73
C PRO A 225 -33.63 -15.37 22.04
N TRP A 226 -34.07 -14.82 20.90
CA TRP A 226 -33.19 -14.04 20.01
C TRP A 226 -34.04 -13.01 19.25
N ALA A 227 -33.41 -11.92 18.86
CA ALA A 227 -34.00 -11.00 17.88
C ALA A 227 -32.88 -10.49 16.97
N LEU A 228 -33.24 -10.13 15.77
CA LEU A 228 -32.30 -9.52 14.81
C LEU A 228 -32.96 -8.25 14.32
N ALA A 229 -32.30 -7.13 14.58
CA ALA A 229 -32.89 -5.81 14.26
C ALA A 229 -32.09 -5.17 13.13
N PHE A 230 -32.75 -4.85 12.04
CA PHE A 230 -32.13 -4.22 10.87
C PHE A 230 -32.44 -2.72 10.90
N GLY A 231 -31.47 -1.90 10.48
CA GLY A 231 -31.73 -0.46 10.45
C GLY A 231 -31.91 0.09 11.84
N VAL A 232 -31.04 -0.31 12.76
CA VAL A 232 -30.96 0.19 14.13
C VAL A 232 -30.35 1.58 14.16
N PRO A 233 -30.43 2.25 15.29
CA PRO A 233 -29.74 3.52 15.47
C PRO A 233 -28.29 3.37 15.08
N PRO A 234 -27.76 4.28 14.24
CA PRO A 234 -26.41 4.11 13.73
C PRO A 234 -25.34 3.98 14.81
N THR A 235 -25.46 4.64 15.95
CA THR A 235 -24.46 4.47 17.01
C THR A 235 -24.48 3.00 17.45
N ALA A 236 -25.67 2.42 17.49
CA ALA A 236 -25.85 1.03 17.93
C ALA A 236 -25.20 0.06 16.94
N ILE A 237 -25.30 0.28 15.64
CA ILE A 237 -24.68 -0.69 14.67
C ILE A 237 -23.14 -0.60 14.77
N MET A 238 -22.62 0.59 15.02
N MET A 238 -22.62 0.60 15.03
CA MET A 238 -21.16 0.76 15.21
CA MET A 238 -21.18 0.77 15.22
C MET A 238 -20.72 -0.01 16.46
C MET A 238 -20.72 -0.01 16.46
N ALA A 239 -21.43 0.12 17.56
CA ALA A 239 -21.04 -0.63 18.77
C ALA A 239 -21.21 -2.13 18.54
N SER A 240 -22.20 -2.50 17.75
CA SER A 240 -22.46 -3.92 17.41
C SER A 240 -21.25 -4.51 16.71
N SER A 241 -20.47 -3.73 15.98
CA SER A 241 -19.28 -4.15 15.26
C SER A 241 -18.01 -4.03 16.08
N MET A 242 -18.11 -3.51 17.30
CA MET A 242 -16.92 -3.22 18.11
C MET A 242 -16.76 -4.26 19.20
N PRO A 243 -15.56 -4.79 19.44
CA PRO A 243 -15.36 -5.76 20.52
C PRO A 243 -15.17 -5.08 21.88
N ILE A 244 -16.25 -4.51 22.36
CA ILE A 244 -16.29 -3.94 23.71
C ILE A 244 -16.23 -5.11 24.70
N PRO A 245 -15.93 -4.82 25.98
CA PRO A 245 -15.55 -5.89 26.88
C PRO A 245 -16.63 -6.96 27.07
N ASP A 246 -16.13 -8.13 27.45
CA ASP A 246 -16.94 -9.26 27.91
C ASP A 246 -17.93 -8.80 28.98
N GLY A 247 -19.19 -9.23 28.88
CA GLY A 247 -20.24 -8.96 29.88
C GLY A 247 -20.74 -7.54 29.87
N VAL A 248 -20.31 -6.71 28.96
CA VAL A 248 -20.82 -5.32 28.89
C VAL A 248 -21.92 -5.26 27.85
N SER A 249 -23.12 -4.90 28.28
CA SER A 249 -24.26 -4.75 27.37
C SER A 249 -24.00 -3.54 26.49
N GLU A 250 -24.07 -3.77 25.17
CA GLU A 250 -23.79 -2.70 24.22
C GLU A 250 -24.81 -1.55 24.42
N ALA A 251 -26.04 -1.79 24.85
CA ALA A 251 -27.03 -0.70 24.91
C ALA A 251 -26.54 0.46 25.76
N GLY A 252 -25.97 0.16 26.92
CA GLY A 252 -25.52 1.22 27.84
C GLY A 252 -24.28 1.93 27.34
N TYR A 253 -23.46 1.18 26.61
CA TYR A 253 -22.22 1.71 26.01
C TYR A 253 -22.62 2.71 24.92
N VAL A 254 -23.57 2.31 24.09
CA VAL A 254 -24.14 3.17 23.04
C VAL A 254 -24.74 4.43 23.64
N GLY A 255 -25.47 4.28 24.73
CA GLY A 255 -26.06 5.44 25.40
C GLY A 255 -24.95 6.41 25.80
N ALA A 256 -23.87 5.90 26.37
CA ALA A 256 -22.73 6.74 26.80
C ALA A 256 -22.05 7.39 25.59
N ILE A 257 -21.90 6.72 24.46
CA ILE A 257 -21.37 7.39 23.25
C ILE A 257 -22.28 8.57 22.90
N ALA A 258 -23.61 8.34 22.84
CA ALA A 258 -24.61 9.34 22.41
C ALA A 258 -24.85 10.40 23.51
N GLY A 259 -24.49 10.16 24.75
CA GLY A 259 -24.86 11.07 25.87
C GLY A 259 -26.35 11.07 26.16
N GLU A 260 -27.11 10.08 25.69
CA GLU A 260 -28.53 9.94 26.01
C GLU A 260 -28.94 8.50 25.75
N PRO A 261 -30.04 8.05 26.36
CA PRO A 261 -30.47 6.66 26.22
C PRO A 261 -30.97 6.29 24.84
N ILE A 262 -30.74 5.02 24.49
CA ILE A 262 -31.45 4.39 23.39
C ILE A 262 -32.85 4.01 23.86
N LYS A 263 -33.87 4.37 23.10
CA LYS A 263 -35.24 3.96 23.41
C LYS A 263 -35.49 2.57 22.83
N LEU A 264 -35.83 1.66 23.74
CA LEU A 264 -36.10 0.26 23.39
C LEU A 264 -37.55 -0.08 23.63
N VAL A 265 -38.06 -0.99 22.81
CA VAL A 265 -39.43 -1.54 22.96
C VAL A 265 -39.27 -3.05 23.11
N LYS A 266 -40.14 -3.65 23.92
CA LYS A 266 -40.07 -5.12 24.05
C LYS A 266 -40.54 -5.80 22.78
N CYS A 267 -39.94 -6.92 22.45
CA CYS A 267 -40.44 -7.79 21.39
C CYS A 267 -41.84 -8.29 21.77
N ASP A 268 -42.61 -8.66 20.77
CA ASP A 268 -43.99 -9.13 21.01
C ASP A 268 -43.95 -10.58 21.51
N THR A 269 -43.09 -11.41 20.93
CA THR A 269 -43.15 -12.87 21.19
C THR A 269 -42.12 -13.32 22.18
N ASN A 270 -41.31 -12.44 22.75
CA ASN A 270 -40.30 -12.82 23.75
C ASN A 270 -39.99 -11.64 24.64
N ASN A 271 -39.08 -11.79 25.59
CA ASN A 271 -38.78 -10.78 26.61
C ASN A 271 -37.55 -9.94 26.25
N LEU A 272 -37.07 -10.03 25.03
CA LEU A 272 -35.95 -9.18 24.59
C LEU A 272 -36.48 -7.81 24.15
N TYR A 273 -35.55 -6.88 24.04
CA TYR A 273 -35.87 -5.49 23.67
C TYR A 273 -35.05 -5.09 22.47
N VAL A 274 -35.66 -4.31 21.62
CA VAL A 274 -35.01 -3.84 20.37
C VAL A 274 -35.23 -2.34 20.27
N PRO A 275 -34.37 -1.63 19.52
CA PRO A 275 -34.59 -0.21 19.37
C PRO A 275 -35.94 0.07 18.73
N ALA A 276 -36.66 1.03 19.31
CA ALA A 276 -38.08 1.28 18.98
C ALA A 276 -38.21 1.80 17.54
N ASN A 277 -37.17 2.38 16.99
CA ASN A 277 -37.22 2.94 15.61
C ASN A 277 -36.42 2.09 14.64
N SER A 278 -36.17 0.83 14.98
CA SER A 278 -35.57 -0.09 14.02
C SER A 278 -36.44 -0.18 12.77
N GLU A 279 -35.82 -0.43 11.62
CA GLU A 279 -36.57 -0.60 10.37
C GLU A 279 -37.35 -1.92 10.37
N ILE A 280 -36.70 -3.02 10.75
CA ILE A 280 -37.24 -4.39 10.60
C ILE A 280 -36.70 -5.18 11.77
N VAL A 281 -37.56 -5.91 12.45
CA VAL A 281 -37.09 -6.84 13.52
C VAL A 281 -37.60 -8.25 13.25
N LEU A 282 -36.72 -9.21 13.37
CA LEU A 282 -37.06 -10.65 13.40
C LEU A 282 -37.00 -11.10 14.84
N GLU A 283 -38.07 -11.72 15.31
CA GLU A 283 -38.11 -12.32 16.66
C GLU A 283 -38.11 -13.84 16.52
N GLY A 284 -37.32 -14.51 17.35
CA GLY A 284 -37.35 -15.99 17.28
C GLY A 284 -36.37 -16.59 18.25
N THR A 285 -35.67 -17.60 17.75
CA THR A 285 -34.71 -18.39 18.56
C THR A 285 -33.46 -18.73 17.80
N LEU A 286 -32.38 -18.80 18.58
CA LEU A 286 -31.11 -19.39 18.10
C LEU A 286 -31.00 -20.79 18.72
N SER A 287 -30.76 -21.77 17.90
CA SER A 287 -30.66 -23.17 18.42
C SER A 287 -29.29 -23.40 19.03
N THR A 288 -29.26 -24.25 20.07
CA THR A 288 -28.00 -24.89 20.52
C THR A 288 -27.84 -26.26 19.88
N THR A 289 -28.90 -26.82 19.36
CA THR A 289 -28.93 -28.26 18.95
C THR A 289 -28.85 -28.43 17.44
N LYS A 290 -29.31 -27.47 16.67
CA LYS A 290 -29.49 -27.69 15.23
C LYS A 290 -28.52 -26.79 14.48
N MET A 291 -27.84 -27.36 13.49
N MET A 291 -27.94 -27.38 13.44
CA MET A 291 -27.09 -26.59 12.48
CA MET A 291 -27.10 -26.69 12.44
C MET A 291 -27.58 -26.96 11.08
C MET A 291 -27.71 -26.90 11.06
N ALA A 292 -27.25 -26.11 10.11
CA ALA A 292 -27.63 -26.26 8.70
C ALA A 292 -26.48 -25.77 7.86
N PRO A 293 -26.36 -26.19 6.61
CA PRO A 293 -25.27 -25.71 5.75
C PRO A 293 -25.37 -24.18 5.65
N GLU A 294 -24.21 -23.55 5.80
CA GLU A 294 -24.17 -22.06 5.77
C GLU A 294 -22.99 -21.68 4.88
N GLY A 295 -23.16 -20.61 4.13
CA GLY A 295 -22.10 -20.19 3.22
C GLY A 295 -22.10 -21.07 1.98
N PRO A 296 -21.17 -20.83 1.05
CA PRO A 296 -20.14 -19.81 1.20
C PRO A 296 -20.68 -18.38 1.05
N PHE A 297 -19.79 -17.44 1.35
CA PHE A 297 -20.14 -16.00 1.33
C PHE A 297 -18.88 -15.23 0.92
N GLY A 298 -19.05 -14.32 -0.03
CA GLY A 298 -18.04 -13.32 -0.41
C GLY A 298 -17.69 -12.46 0.79
N GLU A 299 -16.53 -12.67 1.38
CA GLU A 299 -16.24 -12.17 2.73
C GLU A 299 -15.22 -11.04 2.77
N MET A 300 -14.95 -10.63 3.98
CA MET A 300 -14.22 -9.39 4.30
C MET A 300 -12.82 -9.39 3.69
N HIS A 301 -12.24 -10.54 3.41
CA HIS A 301 -10.86 -10.60 2.87
C HIS A 301 -10.86 -10.56 1.33
N GLY A 302 -12.01 -10.61 0.69
CA GLY A 302 -12.15 -10.42 -0.74
C GLY A 302 -12.35 -11.73 -1.48
N TYR A 303 -12.72 -12.80 -0.78
CA TYR A 303 -12.85 -14.16 -1.39
C TYR A 303 -14.21 -14.78 -1.16
N VAL A 304 -14.67 -15.55 -2.14
CA VAL A 304 -15.70 -16.58 -1.93
C VAL A 304 -15.14 -17.90 -2.45
N TYR A 305 -15.45 -18.97 -1.75
CA TYR A 305 -15.08 -20.33 -2.20
C TYR A 305 -16.33 -21.05 -2.71
N PRO A 306 -16.60 -21.04 -4.03
CA PRO A 306 -17.82 -21.64 -4.53
C PRO A 306 -17.96 -23.08 -4.04
N GLY A 307 -19.19 -23.37 -3.64
CA GLY A 307 -19.60 -24.71 -3.22
C GLY A 307 -19.21 -25.07 -1.79
N GLU A 308 -18.45 -24.22 -1.11
N GLU A 308 -18.48 -24.21 -1.06
CA GLU A 308 -17.88 -24.54 0.21
CA GLU A 308 -17.86 -24.60 0.23
C GLU A 308 -18.83 -24.02 1.29
C GLU A 308 -18.70 -24.14 1.42
N SER A 309 -19.82 -24.81 1.66
CA SER A 309 -20.65 -24.56 2.86
C SER A 309 -19.97 -25.19 4.06
N HIS A 310 -20.37 -24.78 5.26
CA HIS A 310 -19.99 -25.41 6.52
C HIS A 310 -21.15 -25.28 7.48
N PRO A 311 -21.40 -26.26 8.36
CA PRO A 311 -22.55 -26.18 9.25
C PRO A 311 -22.46 -24.95 10.16
N ALA A 312 -23.61 -24.30 10.32
CA ALA A 312 -23.75 -23.20 11.28
C ALA A 312 -25.10 -23.28 11.96
N PRO A 313 -25.23 -22.63 13.13
CA PRO A 313 -26.47 -22.66 13.86
C PRO A 313 -27.68 -22.16 13.09
N VAL A 314 -28.84 -22.71 13.44
CA VAL A 314 -30.15 -22.34 12.90
C VAL A 314 -30.85 -21.32 13.79
N TYR A 315 -31.30 -20.24 13.16
CA TYR A 315 -32.21 -19.27 13.76
C TYR A 315 -33.60 -19.53 13.18
N THR A 316 -34.58 -19.55 14.06
CA THR A 316 -35.98 -19.70 13.65
C THR A 316 -36.69 -18.37 13.88
N VAL A 317 -37.40 -17.93 12.86
CA VAL A 317 -38.13 -16.63 12.92
C VAL A 317 -39.61 -16.88 13.20
N ASN A 318 -40.14 -16.30 14.27
CA ASN A 318 -41.55 -16.49 14.69
C ASN A 318 -42.37 -15.23 14.51
N LYS A 319 -41.79 -14.04 14.36
CA LYS A 319 -42.59 -12.83 14.08
C LYS A 319 -41.63 -11.87 13.40
N ILE A 320 -42.16 -11.09 12.47
CA ILE A 320 -41.45 -9.93 11.87
C ILE A 320 -42.25 -8.68 12.18
N THR A 321 -41.64 -7.64 12.72
CA THR A 321 -42.30 -6.33 12.82
C THR A 321 -41.47 -5.34 12.06
N TYR A 322 -42.12 -4.31 11.50
CA TYR A 322 -41.35 -3.40 10.65
C TYR A 322 -42.07 -2.06 10.52
N ARG A 323 -41.27 -1.06 10.24
CA ARG A 323 -41.71 0.30 9.88
C ARG A 323 -42.40 0.29 8.54
N ASN A 324 -43.35 1.22 8.42
CA ASN A 324 -43.81 1.63 7.10
C ASN A 324 -42.60 1.98 6.24
N ASN A 325 -42.60 1.54 4.99
CA ASN A 325 -41.53 1.93 4.02
C ASN A 325 -40.16 1.45 4.50
N ALA A 326 -40.14 0.29 5.17
CA ALA A 326 -38.92 -0.29 5.77
C ALA A 326 -37.77 -0.42 4.79
N ILE A 327 -36.58 -0.18 5.32
CA ILE A 327 -35.30 -0.27 4.62
C ILE A 327 -34.42 -1.36 5.24
N LEU A 328 -33.96 -2.30 4.43
CA LEU A 328 -32.94 -3.29 4.84
C LEU A 328 -31.57 -2.79 4.44
N PRO A 329 -30.62 -2.61 5.38
CA PRO A 329 -29.28 -2.23 5.02
C PRO A 329 -28.49 -3.45 4.53
N MET A 330 -27.55 -3.24 3.64
CA MET A 330 -26.82 -4.35 3.02
C MET A 330 -25.38 -3.93 2.85
N SER A 331 -24.46 -4.77 3.33
CA SER A 331 -23.04 -4.68 3.04
C SER A 331 -22.70 -5.68 1.95
N ALA A 332 -22.34 -5.19 0.77
CA ALA A 332 -21.85 -6.05 -0.32
C ALA A 332 -20.34 -6.16 -0.17
N CYS A 333 -19.90 -6.96 0.80
CA CYS A 333 -18.51 -6.91 1.22
C CYS A 333 -17.60 -7.71 0.29
N GLY A 334 -16.32 -7.46 0.38
CA GLY A 334 -15.36 -8.15 -0.51
C GLY A 334 -14.08 -7.35 -0.62
N ARG A 335 -13.60 -7.12 -1.82
CA ARG A 335 -12.41 -6.29 -2.03
C ARG A 335 -12.74 -4.82 -1.66
N LEU A 336 -11.68 -4.07 -1.42
CA LEU A 336 -11.77 -2.68 -0.86
C LEU A 336 -12.77 -1.84 -1.66
N THR A 337 -13.56 -0.98 -1.00
CA THR A 337 -13.57 -0.71 0.42
C THR A 337 -15.01 -0.73 0.88
N ASP A 338 -15.31 -1.58 1.87
CA ASP A 338 -16.66 -1.71 2.41
C ASP A 338 -16.62 -1.70 3.95
N GLU A 339 -17.78 -1.96 4.52
CA GLU A 339 -18.00 -1.95 5.98
C GLU A 339 -17.06 -2.90 6.71
N THR A 340 -16.72 -4.03 6.09
CA THR A 340 -15.84 -4.97 6.80
C THR A 340 -14.47 -4.34 7.00
N GLN A 341 -14.02 -3.44 6.14
CA GLN A 341 -12.70 -2.81 6.37
C GLN A 341 -12.86 -1.47 7.05
N THR A 342 -13.96 -0.76 6.85
CA THR A 342 -14.08 0.54 7.52
C THR A 342 -14.45 0.35 8.99
N MET A 343 -15.11 -0.76 9.35
CA MET A 343 -15.61 -0.97 10.73
C MET A 343 -14.89 -2.13 11.41
N ILE A 344 -14.76 -3.32 10.84
CA ILE A 344 -14.25 -4.46 11.64
C ILE A 344 -12.81 -4.22 12.03
N GLY A 345 -11.95 -3.94 11.05
CA GLY A 345 -10.54 -3.80 11.37
C GLY A 345 -10.29 -2.59 12.24
N THR A 346 -10.98 -1.50 11.92
CA THR A 346 -10.71 -0.21 12.59
C THR A 346 -11.20 -0.26 14.03
N LEU A 347 -12.37 -0.84 14.28
CA LEU A 347 -12.88 -0.92 15.66
C LEU A 347 -12.07 -1.93 16.47
N ALA A 348 -11.55 -2.96 15.85
CA ALA A 348 -10.61 -3.85 16.54
C ALA A 348 -9.34 -3.06 16.87
N ALA A 349 -8.87 -2.25 15.94
CA ALA A 349 -7.66 -1.44 16.19
C ALA A 349 -7.89 -0.54 17.41
N ALA A 350 -9.06 0.08 17.48
CA ALA A 350 -9.39 0.97 18.61
C ALA A 350 -9.24 0.18 19.91
N GLU A 351 -9.86 -0.99 19.98
CA GLU A 351 -9.80 -1.79 21.22
C GLU A 351 -8.39 -2.31 21.49
N ILE A 352 -7.61 -2.59 20.47
CA ILE A 352 -6.21 -3.02 20.64
C ILE A 352 -5.41 -1.86 21.23
N ARG A 353 -5.66 -0.64 20.77
N ARG A 353 -5.66 -0.64 20.77
CA ARG A 353 -4.98 0.54 21.32
CA ARG A 353 -4.98 0.55 21.33
C ARG A 353 -5.25 0.59 22.84
C ARG A 353 -5.26 0.61 22.83
N GLN A 354 -6.52 0.47 23.22
CA GLN A 354 -6.89 0.58 24.65
C GLN A 354 -6.25 -0.56 25.46
N LEU A 355 -6.29 -1.77 24.93
CA LEU A 355 -5.67 -2.94 25.59
C LEU A 355 -4.18 -2.69 25.78
N CYS A 356 -3.49 -2.19 24.78
CA CYS A 356 -2.04 -1.92 24.93
C CYS A 356 -1.81 -0.88 26.00
N GLN A 357 -2.63 0.16 26.06
CA GLN A 357 -2.46 1.22 27.08
C GLN A 357 -2.71 0.59 28.45
N ARG A 358 -3.67 -0.28 28.60
N ARG A 358 -3.76 -0.20 28.59
CA ARG A 358 -3.98 -0.82 29.95
CA ARG A 358 -4.08 -0.90 29.88
C ARG A 358 -3.00 -1.94 30.33
C ARG A 358 -2.90 -1.78 30.31
N ALA A 359 -2.21 -2.41 29.37
CA ALA A 359 -1.04 -3.27 29.65
C ALA A 359 0.19 -2.46 30.05
N GLY A 360 0.12 -1.13 29.96
CA GLY A 360 1.30 -0.29 30.25
C GLY A 360 2.18 -0.03 29.08
N LEU A 361 1.77 -0.39 27.87
CA LEU A 361 2.64 -0.20 26.69
C LEU A 361 2.46 1.23 26.22
N PRO A 362 3.53 1.82 25.67
CA PRO A 362 3.51 3.23 25.26
C PRO A 362 2.91 3.42 23.87
N ILE A 363 1.64 3.04 23.71
CA ILE A 363 0.90 3.13 22.40
C ILE A 363 -0.04 4.31 22.44
N THR A 364 0.00 5.22 21.47
CA THR A 364 -0.87 6.39 21.50
C THR A 364 -2.05 6.20 20.56
N ASP A 365 -1.87 5.41 19.50
CA ASP A 365 -2.86 5.34 18.41
C ASP A 365 -2.72 3.99 17.72
N ALA A 366 -3.78 3.54 17.12
CA ALA A 366 -3.77 2.31 16.34
C ALA A 366 -4.73 2.49 15.18
N PHE A 367 -4.38 1.87 14.06
CA PHE A 367 -5.34 1.84 12.95
C PHE A 367 -5.15 0.52 12.21
N ALA A 368 -6.13 0.15 11.40
CA ALA A 368 -6.11 -1.05 10.52
C ALA A 368 -5.95 -0.60 9.08
N PRO A 369 -4.70 -0.58 8.57
CA PRO A 369 -4.47 -0.04 7.24
C PRO A 369 -5.33 -0.77 6.20
N PHE A 370 -5.90 -0.05 5.23
CA PHE A 370 -6.75 -0.67 4.21
C PHE A 370 -5.93 -1.68 3.43
N VAL A 371 -4.68 -1.40 3.14
CA VAL A 371 -3.78 -2.33 2.37
C VAL A 371 -3.76 -3.71 3.08
N GLY A 372 -3.91 -3.80 4.39
CA GLY A 372 -3.85 -5.09 5.11
C GLY A 372 -5.13 -5.89 5.01
N GLN A 373 -6.19 -5.41 4.36
CA GLN A 373 -7.45 -6.17 4.18
C GLN A 373 -7.99 -6.61 5.54
N ALA A 374 -7.98 -5.69 6.51
CA ALA A 374 -8.53 -5.89 7.86
C ALA A 374 -7.79 -7.01 8.60
N THR A 375 -6.55 -7.30 8.27
CA THR A 375 -5.73 -8.30 8.97
C THR A 375 -4.54 -7.64 9.66
N TRP A 376 -4.26 -6.36 9.37
CA TRP A 376 -3.12 -5.63 9.95
C TRP A 376 -3.60 -4.55 10.90
N VAL A 377 -2.85 -4.30 11.94
CA VAL A 377 -2.98 -3.10 12.78
C VAL A 377 -1.61 -2.50 13.00
N ALA A 378 -1.54 -1.21 12.74
CA ALA A 378 -0.35 -0.39 13.00
C ALA A 378 -0.53 0.30 14.34
N LEU A 379 0.49 0.21 15.19
CA LEU A 379 0.51 0.78 16.54
C LEU A 379 1.56 1.88 16.59
N LYS A 380 1.10 3.09 16.96
CA LYS A 380 1.98 4.25 17.06
C LYS A 380 2.54 4.32 18.49
N VAL A 381 3.85 4.42 18.58
CA VAL A 381 4.57 4.38 19.87
C VAL A 381 4.95 5.80 20.28
N ASP A 382 4.71 6.14 21.54
CA ASP A 382 5.24 7.34 22.22
C ASP A 382 6.71 7.03 22.49
N THR A 383 7.60 7.53 21.63
CA THR A 383 9.02 7.10 21.70
C THR A 383 9.72 7.70 22.91
N HIS A 384 9.28 8.85 23.36
CA HIS A 384 9.86 9.46 24.60
C HIS A 384 9.60 8.49 25.76
N ARG A 385 8.38 8.00 25.83
CA ARG A 385 8.04 7.04 26.91
C ARG A 385 8.77 5.72 26.68
N LEU A 386 8.84 5.25 25.43
CA LEU A 386 9.58 4.02 25.11
C LEU A 386 11.02 4.14 25.61
N ARG A 387 11.68 5.27 25.34
CA ARG A 387 13.08 5.41 25.78
C ARG A 387 13.15 5.33 27.31
N ALA A 388 12.16 5.87 28.01
CA ALA A 388 12.18 5.86 29.49
C ALA A 388 12.00 4.43 29.98
N MET A 389 11.34 3.56 29.20
CA MET A 389 11.04 2.16 29.61
C MET A 389 12.29 1.30 29.41
N LYS A 390 13.34 1.77 28.71
CA LYS A 390 14.68 1.18 28.59
C LYS A 390 14.57 -0.28 28.17
N THR A 391 14.02 -0.50 26.99
CA THR A 391 13.84 -1.83 26.39
C THR A 391 14.48 -1.87 24.99
N ASN A 392 14.15 -2.87 24.20
CA ASN A 392 14.67 -3.07 22.84
C ASN A 392 13.58 -3.72 21.99
N GLY A 393 13.72 -3.66 20.67
CA GLY A 393 12.66 -4.05 19.74
C GLY A 393 12.30 -5.49 19.91
N LYS A 394 13.29 -6.36 20.03
CA LYS A 394 13.00 -7.81 20.08
C LYS A 394 12.15 -8.15 21.31
N ALA A 395 12.50 -7.59 22.47
CA ALA A 395 11.74 -7.80 23.72
C ALA A 395 10.37 -7.16 23.58
N PHE A 396 10.31 -5.95 23.03
CA PHE A 396 9.08 -5.17 22.99
C PHE A 396 8.10 -5.83 22.03
N ALA A 397 8.57 -6.30 20.87
CA ALA A 397 7.67 -6.91 19.89
C ALA A 397 7.05 -8.16 20.52
N LYS A 398 7.83 -8.96 21.24
CA LYS A 398 7.26 -10.17 21.86
C LYS A 398 6.21 -9.76 22.88
N ARG A 399 6.49 -8.78 23.71
CA ARG A 399 5.56 -8.36 24.76
C ARG A 399 4.27 -7.85 24.13
N VAL A 400 4.36 -7.05 23.06
CA VAL A 400 3.14 -6.55 22.40
C VAL A 400 2.30 -7.73 21.88
N GLY A 401 2.91 -8.69 21.20
CA GLY A 401 2.15 -9.81 20.68
C GLY A 401 1.52 -10.61 21.81
N ASP A 402 2.27 -10.83 22.89
CA ASP A 402 1.73 -11.60 24.05
C ASP A 402 0.54 -10.87 24.60
N VAL A 403 0.61 -9.54 24.70
CA VAL A 403 -0.53 -8.76 25.22
C VAL A 403 -1.73 -8.91 24.31
N VAL A 404 -1.53 -8.70 23.02
CA VAL A 404 -2.69 -8.55 22.10
C VAL A 404 -3.21 -9.88 21.58
N PHE A 405 -2.34 -10.81 21.22
CA PHE A 405 -2.79 -12.03 20.51
C PHE A 405 -3.35 -13.08 21.46
N THR A 406 -3.35 -12.85 22.75
CA THR A 406 -4.00 -13.73 23.73
C THR A 406 -5.30 -13.11 24.25
N GLN A 407 -5.83 -12.12 23.54
CA GLN A 407 -7.12 -11.49 23.89
C GLN A 407 -8.06 -11.51 22.69
N LYS A 408 -9.36 -11.55 22.97
CA LYS A 408 -10.40 -11.52 21.96
C LYS A 408 -10.18 -10.35 21.00
N VAL A 409 -9.86 -9.17 21.48
CA VAL A 409 -9.78 -8.00 20.57
C VAL A 409 -8.68 -8.22 19.54
N GLY A 410 -7.71 -9.10 19.76
CA GLY A 410 -6.63 -9.33 18.80
C GLY A 410 -6.93 -10.47 17.85
N TYR A 411 -8.08 -11.15 17.98
CA TYR A 411 -8.32 -12.42 17.26
C TYR A 411 -8.19 -12.30 15.75
N MET A 412 -8.83 -11.28 15.16
CA MET A 412 -8.92 -11.20 13.69
C MET A 412 -7.64 -10.63 13.08
N ILE A 413 -6.73 -10.09 13.89
CA ILE A 413 -5.55 -9.36 13.40
C ILE A 413 -4.37 -10.31 13.41
N HIS A 414 -3.69 -10.44 12.29
CA HIS A 414 -2.54 -11.34 12.16
C HIS A 414 -1.19 -10.64 12.10
N ARG A 415 -1.16 -9.34 11.79
N ARG A 415 -1.16 -9.35 11.76
CA ARG A 415 0.13 -8.62 11.73
CA ARG A 415 0.13 -8.63 11.75
C ARG A 415 -0.04 -7.31 12.49
C ARG A 415 -0.05 -7.32 12.49
N LEU A 416 0.76 -7.13 13.52
CA LEU A 416 0.89 -5.84 14.23
C LEU A 416 2.20 -5.20 13.77
N ILE A 417 2.13 -3.93 13.39
CA ILE A 417 3.31 -3.17 12.95
C ILE A 417 3.54 -2.05 13.95
N LEU A 418 4.68 -2.09 14.62
CA LEU A 418 5.05 -1.05 15.58
C LEU A 418 5.80 0.04 14.84
N VAL A 419 5.34 1.27 15.01
CA VAL A 419 5.95 2.44 14.33
C VAL A 419 6.16 3.54 15.35
N GLY A 420 7.15 4.38 15.09
CA GLY A 420 7.44 5.51 15.97
C GLY A 420 6.49 6.66 15.68
N ASP A 421 6.66 7.75 16.42
CA ASP A 421 5.62 8.79 16.47
C ASP A 421 5.90 9.86 15.39
N ASP A 422 6.80 9.64 14.44
CA ASP A 422 6.81 10.40 13.17
C ASP A 422 5.88 9.78 12.10
N ILE A 423 5.28 8.65 12.33
CA ILE A 423 4.49 7.92 11.31
C ILE A 423 3.02 8.14 11.60
N ASP A 424 2.26 8.57 10.61
CA ASP A 424 0.80 8.73 10.77
C ASP A 424 0.17 7.35 10.54
N VAL A 425 -0.22 6.64 11.61
CA VAL A 425 -0.77 5.26 11.45
C VAL A 425 -2.10 5.24 10.74
N TYR A 426 -2.76 6.39 10.60
CA TYR A 426 -4.02 6.48 9.86
C TYR A 426 -3.78 6.65 8.35
N ASP A 427 -2.51 6.73 7.92
CA ASP A 427 -2.14 6.94 6.50
C ASP A 427 -1.40 5.66 6.04
N ASP A 428 -2.02 4.90 5.17
CA ASP A 428 -1.43 3.62 4.72
C ASP A 428 -0.07 3.86 4.06
N LYS A 429 0.14 5.03 3.43
CA LYS A 429 1.44 5.30 2.78
C LYS A 429 2.55 5.40 3.83
N ASP A 430 2.28 6.07 4.94
CA ASP A 430 3.30 6.20 6.00
C ASP A 430 3.58 4.84 6.65
N VAL A 431 2.52 4.08 6.90
CA VAL A 431 2.70 2.74 7.50
C VAL A 431 3.54 1.86 6.57
N MET A 432 3.22 1.85 5.28
CA MET A 432 4.00 1.00 4.36
C MET A 432 5.45 1.48 4.28
N TRP A 433 5.67 2.79 4.29
CA TRP A 433 7.04 3.30 4.22
C TRP A 433 7.82 2.83 5.44
N ALA A 434 7.22 2.98 6.63
CA ALA A 434 7.88 2.56 7.86
C ALA A 434 8.15 1.04 7.85
N PHE A 435 7.14 0.27 7.46
CA PHE A 435 7.29 -1.19 7.41
C PHE A 435 8.43 -1.59 6.49
N ALA A 436 8.44 -1.02 5.29
CA ALA A 436 9.37 -1.41 4.23
C ALA A 436 10.80 -0.97 4.53
N THR A 437 11.00 0.06 5.34
CA THR A 437 12.33 0.64 5.53
C THR A 437 12.87 0.54 6.95
N ARG A 438 12.03 0.20 7.94
CA ARG A 438 12.46 0.12 9.35
C ARG A 438 12.36 -1.25 9.99
N CYS A 439 11.68 -2.19 9.37
CA CYS A 439 11.56 -3.56 9.89
C CYS A 439 12.36 -4.51 9.03
N ARG A 440 13.51 -4.96 9.52
CA ARG A 440 14.32 -5.97 8.80
C ARG A 440 13.53 -7.28 8.82
N PRO A 441 13.16 -7.81 7.65
CA PRO A 441 12.36 -9.03 7.59
C PRO A 441 13.03 -10.14 8.42
N GLY A 442 12.20 -10.82 9.21
CA GLY A 442 12.65 -11.91 10.07
C GLY A 442 13.33 -11.44 11.31
N THR A 443 14.49 -10.80 11.16
CA THR A 443 15.28 -10.30 12.27
C THR A 443 14.41 -9.47 13.25
N ASP A 444 13.60 -8.57 12.71
CA ASP A 444 12.85 -7.60 13.52
C ASP A 444 11.41 -8.05 13.68
N GLU A 445 11.13 -9.34 13.53
CA GLU A 445 9.76 -9.85 13.63
C GLU A 445 9.75 -10.94 14.66
N VAL A 446 8.67 -11.01 15.41
CA VAL A 446 8.39 -12.14 16.33
C VAL A 446 7.16 -12.84 15.82
N PHE A 447 7.27 -14.11 15.60
CA PHE A 447 6.17 -14.93 15.04
C PHE A 447 5.50 -15.68 16.20
N PHE A 448 4.20 -15.87 16.06
CA PHE A 448 3.33 -16.47 17.11
C PHE A 448 2.60 -17.65 16.50
N ASP A 449 3.06 -18.83 16.88
CA ASP A 449 2.54 -20.13 16.34
C ASP A 449 1.43 -20.70 17.22
N ASP A 450 1.29 -20.25 18.45
CA ASP A 450 0.46 -20.98 19.45
C ASP A 450 -0.86 -20.28 19.76
N VAL A 451 -1.04 -19.05 19.31
CA VAL A 451 -2.22 -18.21 19.63
C VAL A 451 -3.37 -18.53 18.69
N PRO A 452 -4.59 -18.16 19.08
CA PRO A 452 -5.72 -18.36 18.19
C PRO A 452 -5.49 -17.60 16.88
N GLY A 453 -5.80 -18.26 15.78
CA GLY A 453 -5.65 -17.71 14.44
C GLY A 453 -6.98 -17.67 13.75
N PHE A 454 -7.21 -16.66 12.93
CA PHE A 454 -8.51 -16.36 12.35
C PHE A 454 -8.68 -17.16 11.07
N TRP A 455 -9.41 -18.27 11.15
CA TRP A 455 -9.50 -19.28 10.07
C TRP A 455 -10.09 -18.72 8.79
N LEU A 456 -10.85 -17.66 8.87
N LEU A 456 -10.90 -17.68 8.84
CA LEU A 456 -11.52 -17.12 7.67
CA LEU A 456 -11.52 -17.12 7.60
C LEU A 456 -10.50 -16.54 6.66
C LEU A 456 -10.44 -16.65 6.64
N ILE A 457 -9.33 -16.11 7.12
CA ILE A 457 -8.28 -15.63 6.18
C ILE A 457 -7.86 -16.79 5.28
N PRO A 458 -7.80 -16.65 3.95
CA PRO A 458 -7.48 -17.79 3.09
C PRO A 458 -6.18 -18.50 3.43
N TYR A 459 -5.13 -17.78 3.85
CA TYR A 459 -3.85 -18.47 4.17
C TYR A 459 -3.98 -19.30 5.45
N MET A 460 -5.09 -19.19 6.19
CA MET A 460 -5.38 -20.00 7.39
C MET A 460 -6.19 -21.22 6.97
N SER A 461 -7.45 -21.08 6.57
CA SER A 461 -8.33 -22.24 6.26
C SER A 461 -7.90 -22.91 4.97
N HIS A 462 -7.29 -22.22 4.05
CA HIS A 462 -6.88 -22.79 2.74
C HIS A 462 -5.35 -22.77 2.64
N GLY A 463 -4.66 -22.86 3.75
CA GLY A 463 -3.19 -22.70 3.76
C GLY A 463 -2.43 -23.91 4.25
N ASN A 464 -1.20 -23.66 4.63
CA ASN A 464 -0.18 -24.73 4.81
C ASN A 464 -0.06 -25.16 6.26
N ALA A 465 -0.80 -24.59 7.19
CA ALA A 465 -0.71 -24.98 8.61
C ALA A 465 -2.10 -24.92 9.25
N GLU A 466 -2.16 -25.07 10.56
CA GLU A 466 -3.45 -25.26 11.26
C GLU A 466 -4.35 -24.06 11.02
N ALA A 467 -5.59 -24.27 10.63
CA ALA A 467 -6.54 -23.22 10.23
C ALA A 467 -6.82 -22.29 11.41
N ILE A 468 -6.83 -22.82 12.63
CA ILE A 468 -7.34 -22.10 13.82
C ILE A 468 -6.21 -21.65 14.74
N LYS A 469 -4.95 -21.84 14.37
CA LYS A 469 -3.87 -21.58 15.30
C LYS A 469 -2.65 -20.99 14.59
N GLY A 470 -2.09 -19.96 15.18
CA GLY A 470 -0.81 -19.40 14.72
C GLY A 470 -1.00 -18.45 13.53
N GLY A 471 0.10 -18.26 12.84
CA GLY A 471 0.12 -17.42 11.64
C GLY A 471 0.15 -15.94 11.94
N LYS A 472 0.63 -15.56 13.08
CA LYS A 472 0.65 -14.14 13.50
C LYS A 472 2.10 -13.66 13.66
N VAL A 473 2.25 -12.34 13.65
CA VAL A 473 3.57 -11.67 13.67
C VAL A 473 3.43 -10.28 14.27
N VAL A 474 4.43 -9.91 15.06
CA VAL A 474 4.64 -8.48 15.38
C VAL A 474 5.89 -8.05 14.65
N SER A 475 5.76 -7.00 13.86
CA SER A 475 6.84 -6.42 13.06
C SER A 475 7.33 -5.16 13.75
N ASP A 476 8.58 -5.15 14.18
CA ASP A 476 9.18 -4.00 14.85
C ASP A 476 9.69 -3.05 13.78
N ALA A 477 8.92 -2.03 13.45
CA ALA A 477 9.32 -0.99 12.47
C ALA A 477 9.73 0.28 13.20
N LEU A 478 10.32 0.13 14.38
CA LEU A 478 11.11 1.22 15.02
C LEU A 478 12.56 0.92 14.75
N LEU A 479 13.27 1.97 14.32
CA LEU A 479 14.71 1.80 14.10
C LEU A 479 15.43 1.64 15.44
N THR A 480 16.58 0.99 15.44
CA THR A 480 17.27 0.59 16.68
C THR A 480 17.46 1.76 17.64
N ALA A 481 17.87 2.93 17.13
CA ALA A 481 18.19 4.07 17.99
C ALA A 481 16.92 4.63 18.65
N GLU A 482 15.73 4.34 18.13
CA GLU A 482 14.49 4.86 18.74
C GLU A 482 14.30 4.31 20.16
N TYR A 483 14.89 3.15 20.47
CA TYR A 483 14.75 2.53 21.80
C TYR A 483 15.75 3.10 22.80
N THR A 484 16.79 3.78 22.30
CA THR A 484 17.97 4.18 23.13
C THR A 484 18.09 5.70 23.15
N THR A 485 18.78 6.23 22.15
CA THR A 485 19.20 7.66 22.16
C THR A 485 18.25 8.54 21.40
N GLY A 486 17.42 8.00 20.51
CA GLY A 486 16.47 8.85 19.80
C GLY A 486 16.63 8.85 18.31
N LYS A 487 15.62 9.39 17.65
N LYS A 487 15.64 9.44 17.65
CA LYS A 487 15.62 9.55 16.19
CA LYS A 487 15.58 9.59 16.19
C LYS A 487 16.88 10.30 15.76
C LYS A 487 16.82 10.36 15.69
N ASP A 488 17.61 9.74 14.79
CA ASP A 488 18.91 10.30 14.34
C ASP A 488 18.93 10.52 12.82
N TRP A 489 17.79 10.39 12.15
CA TRP A 489 17.65 10.67 10.72
C TRP A 489 16.73 11.86 10.55
N GLU A 490 16.71 12.34 9.33
CA GLU A 490 15.72 13.27 8.84
C GLU A 490 15.07 12.70 7.59
N SER A 491 13.77 12.78 7.42
CA SER A 491 13.10 12.31 6.20
C SER A 491 13.59 13.11 5.01
N ALA A 492 13.81 12.44 3.88
CA ALA A 492 14.13 13.05 2.59
C ALA A 492 12.82 13.41 1.91
N ASP A 493 12.10 14.37 2.47
CA ASP A 493 10.78 14.79 1.96
C ASP A 493 10.71 16.33 2.06
N PHE A 494 9.72 16.88 1.44
CA PHE A 494 9.59 18.36 1.39
C PHE A 494 9.47 18.91 2.80
N LYS A 495 8.71 18.23 3.65
CA LYS A 495 8.47 18.72 5.03
C LYS A 495 9.73 18.73 5.89
N ASN A 496 10.67 17.81 5.69
CA ASN A 496 11.74 17.62 6.67
C ASN A 496 13.15 17.85 6.14
N SER A 497 13.34 17.97 4.83
CA SER A 497 14.70 18.10 4.26
C SER A 497 14.96 19.54 3.76
N TYR A 498 14.02 20.46 3.97
CA TYR A 498 14.18 21.88 3.55
C TYR A 498 13.76 22.74 4.73
N PRO A 499 14.46 23.85 5.00
CA PRO A 499 14.04 24.72 6.07
C PRO A 499 12.72 25.43 5.75
N LYS A 500 12.04 25.87 6.80
CA LYS A 500 10.73 26.56 6.69
C LYS A 500 10.85 27.72 5.69
N SER A 501 11.95 28.48 5.68
CA SER A 501 12.09 29.65 4.78
C SER A 501 11.99 29.22 3.32
N ILE A 502 12.63 28.08 2.98
CA ILE A 502 12.61 27.50 1.62
C ILE A 502 11.20 26.97 1.34
N GLN A 503 10.63 26.21 2.27
N GLN A 503 10.62 26.21 2.27
CA GLN A 503 9.26 25.65 2.09
CA GLN A 503 9.26 25.66 2.02
C GLN A 503 8.28 26.79 1.79
C GLN A 503 8.30 26.82 1.73
N ASP A 504 8.37 27.88 2.55
CA ASP A 504 7.39 29.01 2.42
C ASP A 504 7.60 29.69 1.07
N LYS A 505 8.86 29.88 0.62
CA LYS A 505 9.16 30.44 -0.72
C LYS A 505 8.49 29.60 -1.81
N VAL A 506 8.66 28.27 -1.72
CA VAL A 506 8.11 27.37 -2.75
C VAL A 506 6.58 27.43 -2.72
N LEU A 507 5.99 27.32 -1.54
CA LEU A 507 4.51 27.30 -1.49
C LEU A 507 3.90 28.62 -2.02
N ASN A 508 4.61 29.72 -1.77
CA ASN A 508 4.13 31.06 -2.21
C ASN A 508 4.32 31.26 -3.70
N SER A 509 5.29 30.59 -4.32
CA SER A 509 5.58 30.67 -5.77
C SER A 509 4.76 29.64 -6.58
N TRP A 510 4.28 28.57 -5.93
CA TRP A 510 3.86 27.31 -6.62
C TRP A 510 2.89 27.58 -7.76
N GLU A 511 1.75 28.19 -7.44
CA GLU A 511 0.72 28.38 -8.48
C GLU A 511 1.17 29.41 -9.54
N ARG A 512 1.80 30.49 -9.11
CA ARG A 512 2.25 31.53 -10.07
C ARG A 512 3.16 30.89 -11.10
N LEU A 513 4.02 29.97 -10.67
CA LEU A 513 4.98 29.35 -11.61
C LEU A 513 4.28 28.40 -12.58
N GLY A 514 3.10 27.90 -12.25
CA GLY A 514 2.31 27.02 -13.14
C GLY A 514 2.16 25.61 -12.61
N PHE A 515 2.42 25.38 -11.34
CA PHE A 515 2.19 24.05 -10.71
C PHE A 515 0.75 23.98 -10.20
N LYS A 516 0.25 22.75 -10.01
CA LYS A 516 -1.16 22.48 -9.65
C LYS A 516 -1.36 22.92 -8.20
N LYS A 517 -2.46 23.63 -7.92
CA LYS A 517 -2.87 23.97 -6.54
C LYS A 517 -2.70 22.75 -5.62
N LEU A 518 -2.12 22.96 -4.45
CA LEU A 518 -1.87 21.85 -3.49
C LEU A 518 -3.14 21.47 -2.71
N GLU B 21 16.85 15.26 -33.99
CA GLU B 21 16.95 13.93 -33.32
C GLU B 21 15.72 13.71 -32.45
N PRO B 22 15.20 12.48 -32.38
CA PRO B 22 13.99 12.24 -31.61
C PRO B 22 14.28 12.24 -30.11
N PRO B 23 13.23 12.43 -29.29
CA PRO B 23 13.43 12.60 -27.85
C PRO B 23 14.18 11.45 -27.16
N HIS B 24 14.02 10.20 -27.60
CA HIS B 24 14.76 9.07 -26.96
C HIS B 24 16.28 9.15 -27.24
N LEU B 25 16.71 9.92 -28.26
CA LEU B 25 18.14 9.97 -28.67
C LEU B 25 18.78 11.32 -28.37
N SER B 26 18.05 12.29 -27.83
CA SER B 26 18.56 13.62 -27.48
C SER B 26 17.85 14.14 -26.24
N PHE B 27 18.65 14.47 -25.24
CA PHE B 27 18.09 15.06 -24.01
C PHE B 27 17.41 16.39 -24.36
N ARG B 28 18.00 17.18 -25.24
CA ARG B 28 17.39 18.49 -25.60
C ARG B 28 16.03 18.25 -26.28
N SER B 29 15.94 17.28 -27.18
CA SER B 29 14.66 16.89 -27.84
C SER B 29 13.65 16.41 -26.80
N PHE B 30 14.13 15.63 -25.82
CA PHE B 30 13.29 15.10 -24.72
C PHE B 30 12.65 16.26 -23.96
N VAL B 31 13.43 17.29 -23.63
CA VAL B 31 12.91 18.46 -22.90
C VAL B 31 11.80 19.09 -23.72
N ASN B 32 12.02 19.25 -25.04
CA ASN B 32 10.96 19.80 -25.89
C ASN B 32 9.76 18.86 -25.94
N ALA B 33 9.94 17.54 -25.96
CA ALA B 33 8.83 16.58 -25.94
C ALA B 33 8.00 16.79 -24.65
N LEU B 34 8.67 16.96 -23.53
CA LEU B 34 7.90 17.18 -22.28
C LEU B 34 7.12 18.49 -22.39
N ARG B 35 7.74 19.53 -22.94
CA ARG B 35 7.07 20.85 -23.11
C ARG B 35 5.82 20.64 -23.98
N GLN B 36 5.95 19.91 -25.07
CA GLN B 36 4.82 19.64 -26.02
C GLN B 36 3.72 18.82 -25.35
N ASP B 37 4.05 17.93 -24.42
CA ASP B 37 3.08 17.08 -23.71
C ASP B 37 2.36 17.86 -22.63
N GLY B 38 2.74 19.11 -22.36
CA GLY B 38 2.19 19.85 -21.22
C GLY B 38 2.72 19.23 -19.92
N ASP B 39 3.95 18.75 -19.94
CA ASP B 39 4.58 18.06 -18.79
C ASP B 39 5.83 18.77 -18.31
N LEU B 40 5.94 20.07 -18.55
CA LEU B 40 7.16 20.80 -18.17
C LEU B 40 6.81 22.25 -17.85
N VAL B 41 7.30 22.75 -16.73
CA VAL B 41 7.20 24.19 -16.37
C VAL B 41 8.55 24.86 -16.64
N ASP B 42 8.54 25.88 -17.51
CA ASP B 42 9.71 26.74 -17.71
C ASP B 42 9.74 27.77 -16.59
N ILE B 43 10.66 27.63 -15.67
CA ILE B 43 10.77 28.56 -14.55
C ILE B 43 11.80 29.58 -14.98
N ASN B 44 11.35 30.79 -15.24
CA ASN B 44 12.24 31.88 -15.69
C ASN B 44 12.58 32.82 -14.57
N GLU B 45 11.86 32.75 -13.45
CA GLU B 45 12.23 33.48 -12.23
C GLU B 45 13.50 32.86 -11.68
N PRO B 46 14.28 33.62 -10.91
CA PRO B 46 15.52 33.12 -10.32
C PRO B 46 15.18 32.09 -9.26
N VAL B 47 15.92 30.97 -9.33
CA VAL B 47 15.81 29.93 -8.28
C VAL B 47 17.19 29.60 -7.76
N ASP B 48 17.32 29.50 -6.46
CA ASP B 48 18.60 29.23 -5.81
C ASP B 48 18.92 27.73 -5.96
N PRO B 49 20.12 27.36 -6.48
CA PRO B 49 20.52 25.96 -6.48
C PRO B 49 20.77 25.45 -5.04
N ASP B 50 21.01 26.33 -4.07
CA ASP B 50 21.13 25.97 -2.64
C ASP B 50 19.70 25.75 -2.12
N LEU B 51 19.24 24.50 -2.20
CA LEU B 51 17.97 23.95 -1.66
C LEU B 51 16.72 24.32 -2.43
N GLU B 52 16.57 25.52 -2.96
CA GLU B 52 15.26 25.93 -3.52
C GLU B 52 14.89 25.10 -4.74
N ALA B 53 15.83 24.89 -5.67
CA ALA B 53 15.54 24.12 -6.87
C ALA B 53 15.11 22.69 -6.46
N ALA B 54 15.82 22.09 -5.54
CA ALA B 54 15.52 20.70 -5.11
C ALA B 54 14.23 20.68 -4.32
N ALA B 55 13.88 21.74 -3.59
CA ALA B 55 12.61 21.75 -2.82
C ALA B 55 11.46 21.77 -3.78
N ILE B 56 11.53 22.61 -4.82
CA ILE B 56 10.49 22.61 -5.87
C ILE B 56 10.39 21.19 -6.47
N THR B 57 11.53 20.62 -6.84
CA THR B 57 11.55 19.30 -7.51
C THR B 57 10.96 18.25 -6.57
N ARG B 58 11.35 18.28 -5.31
CA ARG B 58 10.83 17.35 -4.28
C ARG B 58 9.31 17.44 -4.22
N LEU B 59 8.75 18.65 -4.19
CA LEU B 59 7.30 18.78 -4.12
C LEU B 59 6.68 18.31 -5.43
N VAL B 60 7.28 18.55 -6.59
CA VAL B 60 6.77 17.97 -7.84
C VAL B 60 6.69 16.43 -7.68
N CYS B 61 7.75 15.82 -7.19
CA CYS B 61 7.78 14.32 -7.06
C CYS B 61 6.74 13.81 -6.08
N GLU B 62 6.47 14.55 -5.01
CA GLU B 62 5.49 14.12 -4.01
C GLU B 62 4.08 14.34 -4.51
N THR B 63 3.87 15.15 -5.55
CA THR B 63 2.51 15.41 -6.04
C THR B 63 2.32 15.02 -7.51
N ASP B 64 3.32 14.39 -8.12
CA ASP B 64 3.25 13.95 -9.53
C ASP B 64 2.92 15.12 -10.47
N ASP B 65 3.58 16.25 -10.26
CA ASP B 65 3.32 17.44 -11.12
C ASP B 65 4.30 17.43 -12.30
N LYS B 66 4.22 18.47 -13.13
CA LYS B 66 5.08 18.66 -14.30
C LYS B 66 6.55 18.79 -13.92
N ALA B 67 7.43 18.36 -14.79
CA ALA B 67 8.86 18.50 -14.53
C ALA B 67 9.24 19.96 -14.49
N PRO B 68 10.04 20.40 -13.51
CA PRO B 68 10.51 21.78 -13.45
C PRO B 68 11.79 21.97 -14.25
N LEU B 69 11.78 22.91 -15.18
CA LEU B 69 13.01 23.36 -15.87
C LEU B 69 13.42 24.71 -15.34
N PHE B 70 14.52 24.79 -14.63
CA PHE B 70 15.05 26.02 -14.01
C PHE B 70 15.95 26.67 -15.05
N ASN B 71 15.40 27.67 -15.73
CA ASN B 71 16.13 28.42 -16.80
C ASN B 71 16.96 29.56 -16.20
N ASN B 72 16.80 29.90 -14.93
CA ASN B 72 17.45 31.06 -14.27
C ASN B 72 17.94 30.59 -12.92
N VAL B 73 19.01 29.81 -12.95
CA VAL B 73 19.62 29.29 -11.72
C VAL B 73 20.56 30.34 -11.15
N ILE B 74 20.38 30.75 -9.90
CA ILE B 74 21.23 31.80 -9.28
C ILE B 74 22.67 31.31 -9.29
N GLY B 75 23.58 32.16 -9.79
CA GLY B 75 25.01 31.84 -9.82
C GLY B 75 25.40 31.15 -11.11
N ALA B 76 24.50 30.93 -12.05
CA ALA B 76 24.84 30.37 -13.39
C ALA B 76 25.65 31.42 -14.13
N LYS B 77 26.71 30.98 -14.80
CA LYS B 77 27.68 31.84 -15.52
C LYS B 77 28.26 31.05 -16.69
N ASP B 78 28.59 31.78 -17.76
CA ASP B 78 29.18 31.31 -19.05
C ASP B 78 28.56 29.97 -19.44
N GLY B 79 27.24 29.92 -19.34
CA GLY B 79 26.45 28.83 -19.90
C GLY B 79 26.25 27.65 -18.96
N LEU B 80 26.81 27.70 -17.76
CA LEU B 80 26.64 26.60 -16.77
C LEU B 80 25.90 27.14 -15.57
N TRP B 81 24.68 26.62 -15.31
CA TRP B 81 23.85 25.77 -16.15
C TRP B 81 22.38 26.00 -15.78
N ARG B 82 21.49 25.47 -16.60
CA ARG B 82 20.05 25.30 -16.29
C ARG B 82 19.92 23.98 -15.54
N ILE B 83 18.79 23.75 -14.89
CA ILE B 83 18.57 22.44 -14.20
C ILE B 83 17.23 21.90 -14.60
N LEU B 84 17.15 20.60 -14.93
CA LEU B 84 15.87 19.92 -15.11
C LEU B 84 15.66 19.00 -13.89
N GLY B 85 14.65 19.27 -13.10
CA GLY B 85 14.31 18.37 -11.99
C GLY B 85 13.35 17.29 -12.46
N ALA B 86 13.29 16.19 -11.71
CA ALA B 86 12.25 15.14 -11.89
C ALA B 86 12.19 14.63 -13.32
N PRO B 87 13.35 14.27 -13.90
CA PRO B 87 13.35 13.85 -15.31
C PRO B 87 12.58 12.55 -15.60
N ALA B 88 12.38 11.66 -14.61
CA ALA B 88 11.69 10.37 -14.86
C ALA B 88 10.74 10.09 -13.69
N SER B 89 10.11 11.13 -13.16
CA SER B 89 9.08 10.96 -12.12
C SER B 89 7.70 10.81 -12.76
N LEU B 90 6.65 10.69 -11.96
CA LEU B 90 5.33 10.28 -12.47
C LEU B 90 4.47 11.50 -12.82
N ARG B 91 3.58 11.31 -13.77
CA ARG B 91 2.50 12.28 -14.12
C ARG B 91 1.24 11.97 -13.31
N SER B 92 0.37 12.97 -13.13
CA SER B 92 -0.76 12.81 -12.19
C SER B 92 -1.91 12.09 -12.90
N SER B 93 -2.05 12.28 -14.21
CA SER B 93 -3.15 11.63 -14.97
C SER B 93 -2.93 10.12 -15.02
N PRO B 94 -3.88 9.31 -14.53
CA PRO B 94 -3.72 7.85 -14.50
C PRO B 94 -3.38 7.24 -15.87
N LYS B 95 -3.95 7.81 -16.93
CA LYS B 95 -3.80 7.26 -18.30
C LYS B 95 -2.39 7.50 -18.86
N GLU B 96 -1.63 8.42 -18.27
N GLU B 96 -1.65 8.49 -18.33
CA GLU B 96 -0.28 8.82 -18.76
CA GLU B 96 -0.27 8.82 -18.78
C GLU B 96 0.70 8.82 -17.59
C GLU B 96 0.68 8.83 -17.59
N ARG B 97 0.42 8.02 -16.57
CA ARG B 97 1.22 8.03 -15.31
C ARG B 97 2.71 7.88 -15.60
N PHE B 98 3.08 7.00 -16.53
CA PHE B 98 4.49 6.71 -16.85
C PHE B 98 4.96 7.46 -18.09
N GLY B 99 4.27 8.52 -18.46
CA GLY B 99 4.54 9.22 -19.72
C GLY B 99 5.92 9.79 -19.80
N ARG B 100 6.47 10.30 -18.70
CA ARG B 100 7.84 10.90 -18.71
C ARG B 100 8.88 9.80 -18.96
N LEU B 101 8.64 8.58 -18.44
CA LEU B 101 9.51 7.42 -18.70
C LEU B 101 9.31 7.00 -20.15
N ALA B 102 8.08 6.97 -20.63
CA ALA B 102 7.81 6.52 -22.01
C ALA B 102 8.54 7.45 -22.99
N ARG B 103 8.63 8.76 -22.70
CA ARG B 103 9.35 9.72 -23.56
C ARG B 103 10.87 9.50 -23.55
N HIS B 104 11.39 8.71 -22.62
CA HIS B 104 12.79 8.28 -22.67
C HIS B 104 13.01 7.24 -23.78
N LEU B 105 11.96 6.55 -24.24
CA LEU B 105 12.12 5.22 -24.89
C LEU B 105 11.31 5.10 -26.20
N ALA B 106 10.82 6.20 -26.77
CA ALA B 106 10.06 6.21 -28.03
C ALA B 106 8.81 5.38 -27.83
N LEU B 107 8.22 5.44 -26.65
CA LEU B 107 6.91 4.82 -26.37
C LEU B 107 5.87 5.90 -26.24
N PRO B 108 4.59 5.60 -26.48
CA PRO B 108 3.54 6.60 -26.30
C PRO B 108 3.36 6.96 -24.83
N PRO B 109 2.89 8.18 -24.52
CA PRO B 109 2.76 8.63 -23.14
C PRO B 109 1.81 7.77 -22.30
N THR B 110 0.93 6.99 -22.95
CA THR B 110 -0.05 6.08 -22.31
C THR B 110 0.59 4.70 -22.03
N ALA B 111 1.88 4.54 -22.32
CA ALA B 111 2.57 3.26 -22.11
C ALA B 111 2.42 2.81 -20.65
N SER B 112 2.19 1.52 -20.46
CA SER B 112 2.15 0.88 -19.12
C SER B 112 3.57 0.71 -18.58
N ALA B 113 3.72 0.49 -17.28
CA ALA B 113 5.03 0.14 -16.72
C ALA B 113 5.55 -1.13 -17.40
N LYS B 114 4.67 -2.07 -17.71
CA LYS B 114 5.10 -3.32 -18.36
C LYS B 114 5.63 -3.02 -19.76
N ASP B 115 5.00 -2.11 -20.48
CA ASP B 115 5.49 -1.73 -21.83
C ASP B 115 6.93 -1.24 -21.70
N ILE B 116 7.18 -0.38 -20.71
CA ILE B 116 8.53 0.20 -20.47
C ILE B 116 9.56 -0.90 -20.16
N LEU B 117 9.26 -1.77 -19.21
CA LEU B 117 10.22 -2.82 -18.80
C LEU B 117 10.42 -3.79 -19.94
N ASP B 118 9.34 -4.16 -20.62
CA ASP B 118 9.46 -5.10 -21.77
C ASP B 118 10.38 -4.46 -22.81
N LYS B 119 10.26 -3.15 -23.05
CA LYS B 119 11.10 -2.47 -24.06
C LYS B 119 12.56 -2.53 -23.59
N MET B 120 12.84 -2.29 -22.32
CA MET B 120 14.20 -2.33 -21.77
C MET B 120 14.78 -3.76 -21.91
N LEU B 121 13.95 -4.79 -21.79
CA LEU B 121 14.42 -6.20 -21.85
C LEU B 121 14.59 -6.59 -23.32
N SER B 122 13.93 -5.90 -24.24
CA SER B 122 13.90 -6.25 -25.69
C SER B 122 15.31 -6.44 -26.23
N ALA B 123 16.31 -5.66 -25.79
CA ALA B 123 17.72 -5.77 -26.26
C ALA B 123 18.43 -6.99 -25.68
N ASN B 124 17.83 -7.72 -24.75
CA ASN B 124 18.43 -8.97 -24.24
C ASN B 124 18.58 -9.98 -25.37
N SER B 125 17.65 -9.99 -26.32
CA SER B 125 17.45 -11.11 -27.26
C SER B 125 17.71 -10.70 -28.71
N ILE B 126 18.21 -9.48 -28.96
CA ILE B 126 18.59 -9.04 -30.34
C ILE B 126 20.05 -8.61 -30.32
N PRO B 127 20.78 -8.73 -31.45
CA PRO B 127 22.18 -8.34 -31.45
C PRO B 127 22.29 -6.86 -31.06
N PRO B 128 23.38 -6.48 -30.37
CA PRO B 128 23.63 -5.08 -30.07
C PRO B 128 23.79 -4.29 -31.36
N ILE B 129 23.33 -3.04 -31.35
CA ILE B 129 23.60 -2.03 -32.40
C ILE B 129 24.74 -1.16 -31.86
N GLU B 130 25.93 -1.38 -32.38
CA GLU B 130 27.17 -0.72 -31.91
C GLU B 130 27.09 0.77 -32.18
N PRO B 131 27.70 1.56 -31.30
CA PRO B 131 27.67 3.01 -31.46
C PRO B 131 28.49 3.38 -32.71
N VAL B 132 28.24 4.58 -33.22
CA VAL B 132 29.01 5.15 -34.35
C VAL B 132 29.73 6.39 -33.85
N ILE B 133 30.95 6.57 -34.32
CA ILE B 133 31.85 7.70 -33.92
C ILE B 133 31.58 8.86 -34.86
N VAL B 134 31.42 10.04 -34.30
CA VAL B 134 31.35 11.33 -35.05
C VAL B 134 32.49 12.21 -34.57
N PRO B 135 33.01 13.11 -35.43
CA PRO B 135 34.17 13.93 -35.07
C PRO B 135 33.88 15.03 -34.06
N THR B 136 32.60 15.38 -33.92
CA THR B 136 32.19 16.50 -33.06
C THR B 136 30.69 16.38 -32.80
N GLY B 137 30.19 17.29 -31.99
CA GLY B 137 28.76 17.38 -31.69
C GLY B 137 28.51 18.54 -30.75
N PRO B 138 27.22 18.76 -30.41
CA PRO B 138 26.84 19.89 -29.55
C PRO B 138 27.64 19.94 -28.23
N VAL B 139 27.97 18.77 -27.68
CA VAL B 139 28.70 18.68 -26.39
C VAL B 139 30.07 19.38 -26.47
N LYS B 140 30.59 19.63 -27.69
CA LYS B 140 31.87 20.31 -27.89
C LYS B 140 31.68 21.83 -28.11
N GLU B 141 30.49 22.38 -27.92
CA GLU B 141 30.26 23.82 -28.23
C GLU B 141 31.05 24.72 -27.29
N ASN B 142 31.33 24.29 -26.06
CA ASN B 142 32.01 25.12 -25.06
C ASN B 142 32.95 24.25 -24.25
N SER B 143 33.98 24.83 -23.67
CA SER B 143 34.85 24.11 -22.75
C SER B 143 35.48 24.98 -21.68
N ILE B 144 35.81 24.34 -20.56
CA ILE B 144 36.63 24.87 -19.46
C ILE B 144 37.66 23.81 -19.14
N GLU B 145 38.92 24.18 -19.02
CA GLU B 145 40.02 23.17 -18.90
C GLU B 145 40.97 23.47 -17.76
N GLY B 146 41.49 22.40 -17.16
CA GLY B 146 42.60 22.44 -16.20
C GLY B 146 42.33 23.43 -15.10
N GLU B 147 43.26 24.36 -14.87
CA GLU B 147 43.22 25.27 -13.71
C GLU B 147 42.10 26.30 -13.86
N ASN B 148 41.43 26.43 -15.00
CA ASN B 148 40.26 27.31 -15.13
C ASN B 148 39.03 26.63 -14.51
N ILE B 149 39.11 25.33 -14.21
CA ILE B 149 37.94 24.61 -13.60
C ILE B 149 37.90 24.91 -12.10
N ASP B 150 36.72 25.36 -11.65
CA ASP B 150 36.46 25.47 -10.19
C ASP B 150 35.07 24.92 -9.91
N LEU B 151 35.02 23.65 -9.56
CA LEU B 151 33.70 22.99 -9.37
C LEU B 151 32.92 23.65 -8.24
N GLU B 152 33.62 24.24 -7.27
CA GLU B 152 32.96 24.88 -6.10
C GLU B 152 32.24 26.16 -6.53
N ALA B 153 32.59 26.77 -7.68
CA ALA B 153 32.01 28.03 -8.17
C ALA B 153 30.84 27.75 -9.11
N LEU B 154 30.60 26.51 -9.49
CA LEU B 154 29.48 26.17 -10.38
C LEU B 154 28.23 26.02 -9.52
N PRO B 155 27.04 26.21 -10.12
CA PRO B 155 25.79 26.19 -9.38
C PRO B 155 25.28 24.75 -9.15
N ALA B 156 26.14 23.91 -8.57
CA ALA B 156 25.75 22.53 -8.23
C ALA B 156 24.72 22.62 -7.12
N PRO B 157 23.66 21.79 -7.20
CA PRO B 157 22.57 21.92 -6.23
C PRO B 157 22.89 21.32 -4.87
N MET B 158 22.40 22.00 -3.85
CA MET B 158 22.23 21.37 -2.53
C MET B 158 20.87 20.70 -2.58
N VAL B 159 20.85 19.38 -2.57
CA VAL B 159 19.61 18.65 -2.91
C VAL B 159 18.74 18.43 -1.67
N HIS B 160 19.36 18.31 -0.51
CA HIS B 160 18.65 18.15 0.79
C HIS B 160 19.46 18.93 1.81
N GLN B 161 18.81 19.49 2.83
CA GLN B 161 19.52 20.42 3.73
C GLN B 161 20.62 19.73 4.52
N SER B 162 20.55 18.41 4.78
CA SER B 162 21.52 17.69 5.61
C SER B 162 22.49 16.88 4.76
N ASP B 163 22.50 17.11 3.45
CA ASP B 163 23.49 16.43 2.59
C ASP B 163 24.89 16.91 2.97
N GLY B 164 25.89 16.06 2.72
CA GLY B 164 27.27 16.39 3.08
C GLY B 164 27.96 17.21 2.01
N GLY B 165 27.28 17.56 0.94
CA GLY B 165 27.86 18.41 -0.11
C GLY B 165 26.87 18.61 -1.20
N LYS B 166 27.31 19.27 -2.27
CA LYS B 166 26.46 19.62 -3.41
C LYS B 166 26.49 18.44 -4.39
N TYR B 167 25.37 17.75 -4.53
CA TYR B 167 25.28 16.54 -5.36
C TYR B 167 25.01 16.98 -6.81
N ILE B 168 26.08 17.41 -7.46
CA ILE B 168 26.10 17.65 -8.91
C ILE B 168 25.62 16.44 -9.70
N GLN B 169 25.97 15.24 -9.21
CA GLN B 169 25.70 13.98 -9.95
C GLN B 169 24.60 13.19 -9.27
N THR B 170 23.40 13.34 -9.79
CA THR B 170 22.23 12.51 -9.43
C THR B 170 21.61 11.88 -10.66
N TYR B 171 21.93 12.32 -11.90
CA TYR B 171 21.24 11.77 -13.09
C TYR B 171 22.13 11.85 -14.33
N GLY B 172 23.43 11.81 -14.12
CA GLY B 172 24.37 11.64 -15.22
C GLY B 172 24.87 10.21 -15.29
N MET B 173 25.60 9.95 -16.35
CA MET B 173 26.11 8.62 -16.75
C MET B 173 27.61 8.59 -16.57
N HIS B 174 28.14 7.81 -15.63
CA HIS B 174 29.57 7.49 -15.54
C HIS B 174 29.96 6.54 -16.67
N VAL B 175 31.04 6.90 -17.33
CA VAL B 175 31.68 6.11 -18.43
C VAL B 175 33.02 5.67 -17.91
N ILE B 176 33.22 4.34 -17.90
CA ILE B 176 34.51 3.78 -17.43
C ILE B 176 34.73 2.48 -18.18
N GLN B 177 35.99 2.22 -18.53
CA GLN B 177 36.35 1.07 -19.39
C GLN B 177 37.32 0.16 -18.67
N SER B 178 37.16 -1.13 -18.91
CA SER B 178 38.00 -2.19 -18.35
C SER B 178 39.43 -2.07 -18.90
N PRO B 179 40.41 -2.64 -18.19
CA PRO B 179 41.79 -2.67 -18.70
C PRO B 179 41.96 -3.32 -20.08
N ASP B 180 41.14 -4.28 -20.46
CA ASP B 180 41.33 -4.93 -21.79
C ASP B 180 40.68 -4.11 -22.90
N GLY B 181 40.02 -3.03 -22.54
CA GLY B 181 39.41 -2.11 -23.52
C GLY B 181 38.10 -2.62 -24.08
N CYS B 182 37.66 -3.80 -23.69
CA CYS B 182 36.50 -4.42 -24.37
C CYS B 182 35.17 -4.03 -23.74
N TRP B 183 35.18 -3.69 -22.46
CA TRP B 183 33.93 -3.39 -21.73
C TRP B 183 33.94 -1.92 -21.30
N THR B 184 33.07 -1.14 -21.89
CA THR B 184 32.81 0.24 -21.46
C THR B 184 31.45 0.25 -20.76
N ASN B 185 31.47 0.52 -19.46
CA ASN B 185 30.26 0.53 -18.63
C ASN B 185 29.70 1.94 -18.55
N TRP B 186 28.38 2.02 -18.65
CA TRP B 186 27.60 3.25 -18.41
C TRP B 186 26.68 3.00 -17.22
N SER B 187 26.78 3.85 -16.20
CA SER B 187 25.96 3.64 -14.99
C SER B 187 25.73 4.96 -14.28
N ILE B 188 24.67 4.96 -13.45
CA ILE B 188 24.39 6.09 -12.55
C ILE B 188 24.87 5.74 -11.15
N ALA B 189 25.68 6.59 -10.54
CA ALA B 189 26.06 6.51 -9.14
C ALA B 189 26.24 7.95 -8.66
N ARG B 190 25.82 8.25 -7.44
CA ARG B 190 25.82 9.63 -6.93
C ARG B 190 27.25 10.14 -6.81
N ALA B 191 27.42 11.44 -6.94
CA ALA B 191 28.70 12.08 -6.59
C ALA B 191 28.45 13.56 -6.25
N MET B 192 29.24 14.04 -5.34
CA MET B 192 29.18 15.41 -4.84
C MET B 192 30.50 16.13 -5.13
N VAL B 193 30.41 17.47 -5.23
CA VAL B 193 31.64 18.27 -5.35
C VAL B 193 32.43 18.13 -4.06
N SER B 194 33.72 17.91 -4.17
N SER B 194 33.72 17.86 -4.19
CA SER B 194 34.60 17.70 -2.99
CA SER B 194 34.68 17.61 -3.09
C SER B 194 35.81 18.65 -3.01
C SER B 194 35.65 18.78 -2.96
N GLY B 195 35.98 19.43 -4.07
CA GLY B 195 37.06 20.41 -4.15
C GLY B 195 37.04 21.09 -5.49
N LYS B 196 38.02 21.94 -5.71
CA LYS B 196 38.08 22.77 -6.93
C LYS B 196 38.04 21.89 -8.18
N ARG B 197 38.69 20.72 -8.12
CA ARG B 197 38.84 19.85 -9.30
C ARG B 197 38.34 18.44 -9.01
N THR B 198 37.64 18.20 -7.91
CA THR B 198 37.33 16.80 -7.49
C THR B 198 35.85 16.63 -7.14
N LEU B 199 35.38 15.43 -7.44
CA LEU B 199 34.13 14.87 -6.87
C LEU B 199 34.50 13.72 -5.96
N ALA B 200 33.57 13.42 -5.07
CA ALA B 200 33.61 12.16 -4.32
C ALA B 200 32.27 11.49 -4.52
N GLY B 201 32.26 10.17 -4.72
CA GLY B 201 30.99 9.48 -4.92
C GLY B 201 31.05 8.01 -4.64
N LEU B 202 29.87 7.42 -4.52
CA LEU B 202 29.76 5.97 -4.18
C LEU B 202 30.27 5.12 -5.32
N VAL B 203 31.14 4.20 -4.96
CA VAL B 203 31.69 3.20 -5.90
C VAL B 203 31.67 1.88 -5.12
N ILE B 204 30.48 1.30 -5.09
CA ILE B 204 30.16 0.18 -4.14
C ILE B 204 30.06 -1.14 -4.85
N SER B 205 30.50 -2.21 -4.18
N SER B 205 30.51 -2.20 -4.18
CA SER B 205 30.21 -3.59 -4.58
CA SER B 205 30.23 -3.59 -4.60
C SER B 205 28.70 -3.77 -4.50
C SER B 205 28.73 -3.82 -4.48
N PRO B 206 28.05 -4.52 -5.39
CA PRO B 206 28.66 -5.22 -6.54
C PRO B 206 28.57 -4.48 -7.88
N GLN B 207 28.56 -3.16 -7.87
CA GLN B 207 28.26 -2.38 -9.09
C GLN B 207 29.44 -2.47 -10.07
N HIS B 208 29.11 -2.29 -11.33
CA HIS B 208 30.12 -2.44 -12.41
C HIS B 208 31.16 -1.36 -12.30
N ILE B 209 30.85 -0.16 -11.85
CA ILE B 209 31.90 0.86 -11.71
C ILE B 209 32.96 0.41 -10.70
N ARG B 210 32.53 -0.26 -9.63
CA ARG B 210 33.44 -0.79 -8.62
C ARG B 210 34.17 -2.04 -9.14
N LYS B 211 33.48 -2.91 -9.87
CA LYS B 211 34.19 -4.09 -10.43
C LYS B 211 35.34 -3.58 -11.30
N ILE B 212 35.06 -2.60 -12.15
CA ILE B 212 36.11 -2.08 -13.07
C ILE B 212 37.18 -1.34 -12.28
N GLN B 213 36.80 -0.53 -11.28
CA GLN B 213 37.83 0.14 -10.45
C GLN B 213 38.76 -0.92 -9.84
N ASP B 214 38.20 -2.01 -9.36
CA ASP B 214 39.02 -3.06 -8.72
C ASP B 214 39.93 -3.76 -9.74
N GLN B 215 39.49 -3.93 -10.97
CA GLN B 215 40.36 -4.52 -12.03
C GLN B 215 41.55 -3.58 -12.22
N TRP B 216 41.35 -2.27 -12.30
CA TRP B 216 42.48 -1.33 -12.46
C TRP B 216 43.40 -1.36 -11.24
N ARG B 217 42.80 -1.40 -10.05
N ARG B 217 42.85 -1.40 -10.01
CA ARG B 217 43.56 -1.43 -8.78
CA ARG B 217 43.71 -1.36 -8.81
C ARG B 217 44.55 -2.61 -8.84
C ARG B 217 44.59 -2.62 -8.83
N ALA B 218 44.05 -3.77 -9.26
CA ALA B 218 44.79 -5.05 -9.20
C ALA B 218 46.01 -4.99 -10.14
N ILE B 219 46.00 -4.14 -11.18
CA ILE B 219 47.18 -4.04 -12.09
C ILE B 219 47.99 -2.77 -11.83
N GLY B 220 47.64 -1.96 -10.84
CA GLY B 220 48.49 -0.89 -10.31
C GLY B 220 48.23 0.46 -10.96
N GLN B 221 47.14 0.61 -11.69
CA GLN B 221 46.78 1.92 -12.28
C GLN B 221 46.24 2.84 -11.16
N GLU B 222 46.87 3.99 -10.98
CA GLU B 222 46.49 4.97 -9.93
C GLU B 222 45.28 5.78 -10.37
N GLU B 223 45.27 6.27 -11.59
CA GLU B 223 44.21 7.16 -12.10
C GLU B 223 43.62 6.55 -13.35
N ILE B 224 42.37 6.12 -13.26
CA ILE B 224 41.65 5.40 -14.32
C ILE B 224 40.95 6.41 -15.21
N PRO B 225 41.12 6.36 -16.55
CA PRO B 225 40.35 7.25 -17.40
C PRO B 225 38.84 7.14 -17.10
N TRP B 226 38.15 8.27 -17.08
CA TRP B 226 36.74 8.36 -16.71
C TRP B 226 36.10 9.55 -17.39
N ALA B 227 34.80 9.45 -17.58
CA ALA B 227 34.01 10.63 -17.93
C ALA B 227 32.66 10.51 -17.26
N LEU B 228 32.02 11.65 -17.08
CA LEU B 228 30.64 11.70 -16.55
C LEU B 228 29.86 12.60 -17.50
N ALA B 229 28.82 12.06 -18.09
CA ALA B 229 28.01 12.74 -19.11
C ALA B 229 26.65 13.06 -18.52
N PHE B 230 26.30 14.33 -18.49
CA PHE B 230 24.99 14.80 -17.99
C PHE B 230 24.07 15.08 -19.16
N GLY B 231 22.79 14.75 -19.08
CA GLY B 231 21.84 15.03 -20.18
C GLY B 231 22.21 14.22 -21.38
N VAL B 232 22.45 12.93 -21.16
CA VAL B 232 22.67 11.95 -22.23
C VAL B 232 21.37 11.58 -22.91
N PRO B 233 21.43 10.92 -24.08
CA PRO B 233 20.22 10.45 -24.73
C PRO B 233 19.39 9.69 -23.70
N PRO B 234 18.09 9.98 -23.59
CA PRO B 234 17.26 9.35 -22.58
C PRO B 234 17.31 7.82 -22.62
N THR B 235 17.44 7.18 -23.80
CA THR B 235 17.55 5.70 -23.81
C THR B 235 18.81 5.27 -23.06
N ALA B 236 19.87 6.05 -23.18
CA ALA B 236 21.16 5.76 -22.53
C ALA B 236 21.04 5.90 -21.00
N ILE B 237 20.37 6.93 -20.50
CA ILE B 237 20.26 7.06 -19.02
C ILE B 237 19.41 5.91 -18.43
N MET B 238 18.39 5.43 -19.15
N MET B 238 18.38 5.44 -19.13
CA MET B 238 17.57 4.28 -18.71
CA MET B 238 17.59 4.27 -18.68
C MET B 238 18.47 3.01 -18.63
C MET B 238 18.52 3.04 -18.59
N ALA B 239 19.30 2.78 -19.63
CA ALA B 239 20.21 1.61 -19.60
C ALA B 239 21.26 1.79 -18.49
N SER B 240 21.64 3.03 -18.21
CA SER B 240 22.66 3.34 -17.16
C SER B 240 22.12 2.87 -15.79
N SER B 241 20.80 2.88 -15.61
CA SER B 241 20.14 2.46 -14.35
C SER B 241 19.76 0.97 -14.36
N MET B 242 20.03 0.26 -15.45
CA MET B 242 19.63 -1.16 -15.57
C MET B 242 20.81 -2.10 -15.36
N PRO B 243 20.66 -3.16 -14.54
CA PRO B 243 21.75 -4.09 -14.26
C PRO B 243 21.84 -5.14 -15.39
N ILE B 244 22.25 -4.71 -16.58
CA ILE B 244 22.56 -5.63 -17.71
C ILE B 244 23.81 -6.40 -17.31
N PRO B 245 24.17 -7.51 -17.99
CA PRO B 245 25.24 -8.37 -17.47
C PRO B 245 26.65 -7.76 -17.41
N ASP B 246 27.42 -8.35 -16.52
CA ASP B 246 28.87 -8.18 -16.38
C ASP B 246 29.45 -8.31 -17.81
N GLY B 247 30.31 -7.39 -18.17
CA GLY B 247 31.10 -7.46 -19.42
C GLY B 247 30.35 -6.96 -20.62
N VAL B 248 29.06 -6.60 -20.50
CA VAL B 248 28.24 -6.11 -21.64
C VAL B 248 28.29 -4.59 -21.63
N SER B 249 28.77 -3.96 -22.70
CA SER B 249 28.85 -2.50 -22.82
C SER B 249 27.45 -1.97 -23.08
N GLU B 250 27.03 -1.01 -22.26
CA GLU B 250 25.63 -0.48 -22.36
C GLU B 250 25.41 0.14 -23.75
N ALA B 251 26.42 0.68 -24.40
CA ALA B 251 26.24 1.44 -25.65
C ALA B 251 25.53 0.60 -26.72
N GLY B 252 25.96 -0.64 -26.93
CA GLY B 252 25.34 -1.50 -27.95
C GLY B 252 23.95 -1.95 -27.54
N TYR B 253 23.72 -2.12 -26.24
CA TYR B 253 22.40 -2.49 -25.69
C TYR B 253 21.46 -1.32 -25.97
N VAL B 254 21.92 -0.10 -25.69
CA VAL B 254 21.15 1.15 -25.91
C VAL B 254 20.81 1.26 -27.39
N GLY B 255 21.78 0.95 -28.24
CA GLY B 255 21.49 0.98 -29.68
C GLY B 255 20.35 0.03 -30.04
N ALA B 256 20.39 -1.19 -29.48
CA ALA B 256 19.36 -2.23 -29.72
C ALA B 256 17.99 -1.76 -29.23
N ILE B 257 17.91 -1.01 -28.13
CA ILE B 257 16.61 -0.49 -27.63
C ILE B 257 16.09 0.60 -28.60
N ALA B 258 16.97 1.51 -28.98
CA ALA B 258 16.66 2.72 -29.78
C ALA B 258 16.38 2.37 -31.25
N GLY B 259 16.75 1.17 -31.69
CA GLY B 259 16.70 0.72 -33.10
C GLY B 259 17.67 1.46 -34.01
N GLU B 260 18.75 2.03 -33.47
CA GLU B 260 19.81 2.66 -34.28
C GLU B 260 20.98 3.06 -33.38
N PRO B 261 22.15 3.38 -33.94
CA PRO B 261 23.34 3.61 -33.14
C PRO B 261 23.22 4.90 -32.33
N ILE B 262 23.82 4.89 -31.12
CA ILE B 262 24.13 6.15 -30.42
C ILE B 262 25.38 6.74 -31.05
N LYS B 263 25.32 8.01 -31.40
CA LYS B 263 26.49 8.70 -31.96
C LYS B 263 27.35 9.16 -30.79
N LEU B 264 28.61 8.76 -30.78
CA LEU B 264 29.58 9.08 -29.71
C LEU B 264 30.69 9.95 -30.28
N VAL B 265 31.20 10.82 -29.46
CA VAL B 265 32.38 11.66 -29.75
C VAL B 265 33.46 11.26 -28.76
N LYS B 266 34.71 11.21 -29.19
CA LYS B 266 35.81 10.95 -28.25
C LYS B 266 35.98 12.13 -27.31
N CYS B 267 36.27 11.83 -26.05
CA CYS B 267 36.72 12.87 -25.10
C CYS B 267 37.97 13.58 -25.65
N ASP B 268 38.18 14.81 -25.25
CA ASP B 268 39.39 15.57 -25.65
C ASP B 268 40.63 15.07 -24.92
N THR B 269 40.52 14.71 -23.64
CA THR B 269 41.66 14.51 -22.73
C THR B 269 41.84 13.03 -22.36
N ASN B 270 41.06 12.13 -22.93
CA ASN B 270 41.31 10.67 -22.77
C ASN B 270 40.70 9.96 -23.96
N ASN B 271 40.71 8.63 -23.92
CA ASN B 271 40.32 7.80 -25.08
C ASN B 271 38.89 7.27 -24.92
N LEU B 272 38.14 7.75 -23.91
CA LEU B 272 36.73 7.35 -23.75
C LEU B 272 35.84 8.12 -24.69
N TYR B 273 34.66 7.62 -24.89
CA TYR B 273 33.66 8.20 -25.81
C TYR B 273 32.39 8.52 -25.03
N VAL B 274 31.77 9.63 -25.40
CA VAL B 274 30.54 10.13 -24.75
C VAL B 274 29.51 10.44 -25.80
N PRO B 275 28.20 10.45 -25.49
CA PRO B 275 27.22 10.84 -26.49
C PRO B 275 27.48 12.27 -26.99
N ALA B 276 27.50 12.39 -28.32
CA ALA B 276 27.86 13.63 -29.02
C ALA B 276 26.92 14.80 -28.68
N ASN B 277 25.68 14.48 -28.29
CA ASN B 277 24.70 15.53 -27.93
C ASN B 277 24.46 15.60 -26.40
N SER B 278 25.34 15.02 -25.59
CA SER B 278 25.28 15.26 -24.11
C SER B 278 25.18 16.76 -23.84
N GLU B 279 24.54 17.14 -22.76
CA GLU B 279 24.50 18.55 -22.31
C GLU B 279 25.86 18.99 -21.79
N ILE B 280 26.47 18.21 -20.88
CA ILE B 280 27.68 18.58 -20.12
C ILE B 280 28.48 17.30 -19.97
N VAL B 281 29.78 17.35 -20.23
CA VAL B 281 30.67 16.19 -19.97
C VAL B 281 31.82 16.64 -19.08
N LEU B 282 32.09 15.89 -18.02
CA LEU B 282 33.31 16.02 -17.23
C LEU B 282 34.25 14.91 -17.69
N GLU B 283 35.47 15.27 -18.00
CA GLU B 283 36.54 14.31 -18.36
C GLU B 283 37.60 14.32 -17.27
N GLY B 284 38.08 13.15 -16.88
CA GLY B 284 39.15 13.07 -15.92
C GLY B 284 39.48 11.66 -15.55
N THR B 285 39.67 11.43 -14.27
CA THR B 285 40.08 10.09 -13.79
C THR B 285 39.32 9.76 -12.51
N LEU B 286 39.19 8.46 -12.30
CA LEU B 286 38.77 7.87 -11.01
C LEU B 286 40.00 7.27 -10.35
N SER B 287 40.31 7.67 -9.14
CA SER B 287 41.47 7.16 -8.39
C SER B 287 41.21 5.77 -7.85
N THR B 288 42.24 4.96 -7.84
CA THR B 288 42.24 3.67 -7.11
C THR B 288 42.82 3.84 -5.70
N THR B 289 43.39 4.99 -5.38
CA THR B 289 44.02 5.21 -4.06
C THR B 289 43.27 6.30 -3.29
N LYS B 290 43.04 7.45 -3.91
CA LYS B 290 42.60 8.70 -3.21
C LYS B 290 41.14 8.52 -2.77
N MET B 291 40.88 8.90 -1.51
CA MET B 291 39.54 8.90 -0.87
C MET B 291 39.26 10.29 -0.31
N ALA B 292 37.99 10.60 -0.17
CA ALA B 292 37.55 11.87 0.42
C ALA B 292 36.25 11.60 1.13
N PRO B 293 35.89 12.47 2.11
CA PRO B 293 34.59 12.37 2.74
C PRO B 293 33.46 12.46 1.70
N GLU B 294 32.48 11.57 1.83
CA GLU B 294 31.32 11.55 0.91
C GLU B 294 30.04 11.28 1.69
N GLY B 295 28.98 11.97 1.30
CA GLY B 295 27.67 11.89 1.95
C GLY B 295 27.68 12.67 3.25
N PRO B 296 26.58 12.61 4.02
CA PRO B 296 25.41 11.81 3.70
C PRO B 296 24.61 12.40 2.55
N PHE B 297 23.64 11.65 2.08
CA PHE B 297 22.76 12.04 0.98
C PHE B 297 21.35 11.53 1.24
N GLY B 298 20.38 12.39 1.05
CA GLY B 298 18.97 12.00 1.08
C GLY B 298 18.66 11.01 -0.04
N GLU B 299 18.37 9.76 0.32
CA GLU B 299 18.54 8.62 -0.58
C GLU B 299 17.20 7.99 -0.92
N MET B 300 17.29 6.95 -1.72
CA MET B 300 16.15 6.29 -2.39
C MET B 300 15.12 5.72 -1.44
N HIS B 301 15.53 5.44 -0.19
CA HIS B 301 14.59 4.85 0.79
C HIS B 301 13.87 5.93 1.58
N GLY B 302 14.23 7.20 1.42
CA GLY B 302 13.52 8.32 2.07
C GLY B 302 14.24 8.90 3.27
N TYR B 303 15.53 8.67 3.46
CA TYR B 303 16.24 9.05 4.69
C TYR B 303 17.55 9.76 4.36
N VAL B 304 17.91 10.71 5.23
CA VAL B 304 19.32 11.19 5.34
C VAL B 304 19.70 11.11 6.80
N TYR B 305 20.92 10.73 7.08
CA TYR B 305 21.48 10.71 8.43
C TYR B 305 22.43 11.87 8.56
N PRO B 306 22.02 13.02 9.15
CA PRO B 306 22.92 14.17 9.26
C PRO B 306 24.24 13.80 9.89
N GLY B 307 25.31 14.32 9.26
CA GLY B 307 26.69 14.21 9.74
C GLY B 307 27.36 12.90 9.38
N GLU B 308 26.65 11.95 8.78
CA GLU B 308 27.23 10.61 8.54
C GLU B 308 27.92 10.55 7.17
N SER B 309 29.14 11.04 7.09
CA SER B 309 29.95 10.86 5.87
C SER B 309 30.78 9.59 6.03
N HIS B 310 31.20 9.03 4.90
CA HIS B 310 32.11 7.86 4.86
C HIS B 310 33.08 8.11 3.71
N PRO B 311 34.35 7.70 3.82
CA PRO B 311 35.28 7.87 2.71
C PRO B 311 34.76 7.20 1.45
N ALA B 312 34.95 7.89 0.32
CA ALA B 312 34.63 7.36 -1.01
C ALA B 312 35.71 7.80 -1.97
N PRO B 313 35.80 7.09 -3.12
CA PRO B 313 36.83 7.45 -4.10
C PRO B 313 36.66 8.87 -4.66
N VAL B 314 37.81 9.37 -5.09
CA VAL B 314 37.97 10.71 -5.70
C VAL B 314 37.98 10.61 -7.22
N TYR B 315 37.16 11.40 -7.81
CA TYR B 315 37.19 11.69 -9.26
C TYR B 315 37.87 13.03 -9.45
N THR B 316 38.81 13.11 -10.38
CA THR B 316 39.51 14.35 -10.72
C THR B 316 39.02 14.80 -12.10
N VAL B 317 38.62 16.06 -12.20
CA VAL B 317 38.06 16.63 -13.43
C VAL B 317 39.13 17.52 -14.08
N ASN B 318 39.45 17.21 -15.32
CA ASN B 318 40.52 17.93 -16.08
C ASN B 318 39.93 18.74 -17.23
N LYS B 319 38.74 18.45 -17.71
CA LYS B 319 38.09 19.28 -18.72
C LYS B 319 36.58 19.15 -18.60
N ILE B 320 35.86 20.22 -18.85
CA ILE B 320 34.39 20.20 -18.95
C ILE B 320 34.06 20.63 -20.35
N THR B 321 33.27 19.89 -21.09
CA THR B 321 32.76 20.41 -22.38
C THR B 321 31.25 20.44 -22.27
N TYR B 322 30.60 21.39 -22.92
CA TYR B 322 29.14 21.50 -22.80
C TYR B 322 28.51 22.25 -23.97
N ARG B 323 27.25 21.94 -24.14
CA ARG B 323 26.31 22.57 -25.08
C ARG B 323 26.06 24.02 -24.66
N ASN B 324 25.87 24.87 -25.65
CA ASN B 324 25.18 26.16 -25.41
C ASN B 324 23.88 25.89 -24.65
N ASN B 325 23.58 26.73 -23.67
CA ASN B 325 22.32 26.67 -22.89
C ASN B 325 22.22 25.31 -22.15
N ALA B 326 23.37 24.78 -21.74
CA ALA B 326 23.48 23.46 -21.06
C ALA B 326 22.46 23.30 -19.93
N ILE B 327 21.89 22.11 -19.84
CA ILE B 327 20.96 21.69 -18.76
C ILE B 327 21.59 20.55 -17.95
N LEU B 328 21.63 20.72 -16.65
CA LEU B 328 22.03 19.68 -15.68
C LEU B 328 20.76 18.99 -15.22
N PRO B 329 20.60 17.67 -15.42
CA PRO B 329 19.45 16.98 -14.84
C PRO B 329 19.69 16.72 -13.34
N MET B 330 18.62 16.69 -12.57
CA MET B 330 18.69 16.50 -11.09
C MET B 330 17.55 15.60 -10.62
N SER B 331 17.92 14.53 -9.89
CA SER B 331 16.94 13.71 -9.12
C SER B 331 16.97 14.14 -7.65
N ALA B 332 15.89 14.79 -7.20
CA ALA B 332 15.76 15.17 -5.77
C ALA B 332 15.09 14.00 -5.06
N CYS B 333 15.88 12.99 -4.83
CA CYS B 333 15.31 11.68 -4.46
C CYS B 333 14.99 11.64 -2.98
N GLY B 334 14.14 10.71 -2.64
CA GLY B 334 13.67 10.61 -1.25
C GLY B 334 12.38 9.83 -1.15
N ARG B 335 11.41 10.35 -0.44
CA ARG B 335 10.09 9.70 -0.34
C ARG B 335 9.39 9.75 -1.69
N LEU B 336 8.40 8.88 -1.87
CA LEU B 336 7.73 8.66 -3.17
C LEU B 336 7.26 9.96 -3.80
N THR B 337 7.34 10.10 -5.13
CA THR B 337 7.86 9.14 -6.10
C THR B 337 8.91 9.88 -6.95
N ASP B 338 10.09 9.33 -7.05
CA ASP B 338 11.16 9.94 -7.89
C ASP B 338 11.83 8.86 -8.71
N GLU B 339 12.89 9.22 -9.42
CA GLU B 339 13.66 8.36 -10.32
C GLU B 339 14.18 7.14 -9.59
N THR B 340 14.50 7.22 -8.31
CA THR B 340 15.05 6.03 -7.62
C THR B 340 13.96 4.96 -7.51
N GLN B 341 12.70 5.31 -7.46
CA GLN B 341 11.62 4.29 -7.39
C GLN B 341 11.06 3.98 -8.77
N THR B 342 11.07 4.91 -9.71
CA THR B 342 10.56 4.59 -11.04
C THR B 342 11.59 3.81 -11.84
N MET B 343 12.86 3.87 -11.50
CA MET B 343 13.91 3.24 -12.34
C MET B 343 14.67 2.14 -11.62
N ILE B 344 15.09 2.29 -10.38
CA ILE B 344 16.09 1.36 -9.81
C ILE B 344 15.45 0.01 -9.56
N GLY B 345 14.43 -0.05 -8.71
CA GLY B 345 13.80 -1.33 -8.38
C GLY B 345 13.08 -1.92 -9.57
N THR B 346 12.51 -1.09 -10.43
CA THR B 346 11.70 -1.57 -11.57
C THR B 346 12.64 -2.25 -12.57
N LEU B 347 13.76 -1.62 -12.90
CA LEU B 347 14.69 -2.22 -13.90
C LEU B 347 15.37 -3.42 -13.27
N ALA B 348 15.62 -3.43 -11.98
CA ALA B 348 16.09 -4.65 -11.30
C ALA B 348 15.02 -5.73 -11.44
N ALA B 349 13.74 -5.42 -11.23
CA ALA B 349 12.66 -6.44 -11.36
C ALA B 349 12.68 -7.06 -12.75
N ALA B 350 12.84 -6.24 -13.77
CA ALA B 350 12.89 -6.74 -15.17
C ALA B 350 14.01 -7.77 -15.29
N GLU B 351 15.20 -7.46 -14.80
CA GLU B 351 16.35 -8.39 -14.89
C GLU B 351 16.10 -9.62 -14.01
N ILE B 352 15.52 -9.45 -12.82
CA ILE B 352 15.20 -10.61 -11.95
C ILE B 352 14.26 -11.54 -12.69
N ARG B 353 13.29 -11.03 -13.40
CA ARG B 353 12.34 -11.88 -14.16
C ARG B 353 13.16 -12.76 -15.12
N GLN B 354 14.07 -12.18 -15.86
CA GLN B 354 14.83 -12.94 -16.89
C GLN B 354 15.79 -13.89 -16.22
N LEU B 355 16.44 -13.51 -15.12
CA LEU B 355 17.28 -14.43 -14.34
C LEU B 355 16.47 -15.67 -13.94
N CYS B 356 15.27 -15.49 -13.44
CA CYS B 356 14.44 -16.61 -12.99
C CYS B 356 14.07 -17.50 -14.18
N GLN B 357 13.77 -16.90 -15.32
CA GLN B 357 13.47 -17.67 -16.56
C GLN B 357 14.68 -18.47 -17.02
N ARG B 358 15.87 -17.90 -16.96
CA ARG B 358 17.09 -18.68 -17.35
C ARG B 358 17.29 -19.84 -16.38
N ALA B 359 16.91 -19.68 -15.12
CA ALA B 359 17.02 -20.74 -14.10
C ALA B 359 15.92 -21.80 -14.28
N GLY B 360 14.99 -21.56 -15.18
CA GLY B 360 13.89 -22.48 -15.47
C GLY B 360 12.75 -22.38 -14.49
N LEU B 361 12.70 -21.29 -13.72
CA LEU B 361 11.60 -21.06 -12.78
C LEU B 361 10.42 -20.52 -13.58
N PRO B 362 9.18 -20.86 -13.17
CA PRO B 362 7.98 -20.48 -13.90
C PRO B 362 7.53 -19.05 -13.61
N ILE B 363 8.40 -18.08 -13.88
CA ILE B 363 8.09 -16.65 -13.63
C ILE B 363 7.77 -15.98 -14.96
N THR B 364 6.66 -15.27 -15.07
CA THR B 364 6.26 -14.61 -16.33
C THR B 364 6.52 -13.11 -16.28
N ASP B 365 6.52 -12.54 -15.09
CA ASP B 365 6.56 -11.06 -15.00
C ASP B 365 7.04 -10.67 -13.61
N ALA B 366 7.49 -9.44 -13.48
CA ALA B 366 8.02 -8.91 -12.23
C ALA B 366 7.90 -7.40 -12.20
N PHE B 367 7.65 -6.84 -11.04
CA PHE B 367 7.62 -5.38 -10.86
C PHE B 367 8.02 -5.08 -9.43
N ALA B 368 8.45 -3.85 -9.17
CA ALA B 368 8.87 -3.35 -7.85
C ALA B 368 7.74 -2.48 -7.35
N PRO B 369 6.86 -2.98 -6.46
CA PRO B 369 5.74 -2.18 -6.01
C PRO B 369 6.25 -0.89 -5.37
N PHE B 370 5.56 0.20 -5.66
CA PHE B 370 5.99 1.51 -5.12
C PHE B 370 5.95 1.52 -3.59
N VAL B 371 4.97 0.83 -2.99
CA VAL B 371 4.81 0.73 -1.53
C VAL B 371 6.09 0.17 -0.88
N GLY B 372 6.85 -0.68 -1.60
CA GLY B 372 8.04 -1.28 -1.01
C GLY B 372 9.26 -0.38 -0.97
N GLN B 373 9.15 0.86 -1.46
CA GLN B 373 10.30 1.79 -1.44
C GLN B 373 11.56 1.20 -2.07
N ALA B 374 11.37 0.62 -3.24
CA ALA B 374 12.44 0.05 -4.09
C ALA B 374 13.15 -1.08 -3.36
N THR B 375 12.52 -1.74 -2.36
CA THR B 375 13.11 -2.90 -1.67
C THR B 375 12.32 -4.18 -1.93
N TRP B 376 11.18 -4.10 -2.59
CA TRP B 376 10.28 -5.23 -2.89
C TRP B 376 10.25 -5.52 -4.36
N VAL B 377 10.19 -6.80 -4.72
CA VAL B 377 9.82 -7.21 -6.09
C VAL B 377 8.75 -8.28 -6.00
N ALA B 378 7.68 -8.09 -6.75
CA ALA B 378 6.63 -9.10 -6.90
C ALA B 378 6.90 -9.90 -8.17
N LEU B 379 6.87 -11.23 -8.05
CA LEU B 379 7.10 -12.15 -9.18
C LEU B 379 5.80 -12.87 -9.52
N LYS B 380 5.36 -12.75 -10.75
CA LYS B 380 4.14 -13.40 -11.25
C LYS B 380 4.50 -14.82 -11.72
N VAL B 381 3.77 -15.79 -11.20
CA VAL B 381 4.01 -17.24 -11.45
C VAL B 381 3.02 -17.74 -12.49
N ASP B 382 3.52 -18.48 -13.49
CA ASP B 382 2.67 -19.27 -14.43
C ASP B 382 2.21 -20.52 -13.69
N THR B 383 0.97 -20.50 -13.18
CA THR B 383 0.51 -21.53 -12.20
C THR B 383 0.27 -22.86 -12.91
N HIS B 384 -0.05 -22.85 -14.19
CA HIS B 384 -0.18 -24.10 -14.98
C HIS B 384 1.15 -24.81 -14.99
N ARG B 385 2.21 -24.07 -15.32
CA ARG B 385 3.58 -24.62 -15.32
C ARG B 385 3.96 -25.03 -13.91
N LEU B 386 3.61 -24.21 -12.89
CA LEU B 386 3.94 -24.57 -11.51
C LEU B 386 3.31 -25.92 -11.14
N ARG B 387 2.04 -26.11 -11.46
CA ARG B 387 1.32 -27.36 -11.06
C ARG B 387 2.03 -28.57 -11.67
N ALA B 388 2.58 -28.41 -12.86
CA ALA B 388 3.33 -29.53 -13.51
C ALA B 388 4.53 -29.96 -12.68
N MET B 389 5.14 -29.09 -11.85
CA MET B 389 6.34 -29.39 -11.04
C MET B 389 5.96 -30.18 -9.78
N LYS B 390 4.68 -30.19 -9.36
CA LYS B 390 4.25 -30.90 -8.14
C LYS B 390 5.17 -30.51 -6.99
N THR B 391 5.28 -29.21 -6.72
CA THR B 391 6.11 -28.68 -5.63
C THR B 391 5.19 -28.06 -4.59
N ASN B 392 5.75 -27.30 -3.69
CA ASN B 392 5.04 -26.63 -2.59
C ASN B 392 5.71 -25.29 -2.37
N GLY B 393 5.01 -24.37 -1.74
CA GLY B 393 5.49 -23.01 -1.57
C GLY B 393 6.76 -22.95 -0.79
N LYS B 394 6.93 -23.79 0.24
CA LYS B 394 8.09 -23.70 1.12
C LYS B 394 9.35 -24.03 0.31
N ALA B 395 9.28 -25.09 -0.47
CA ALA B 395 10.41 -25.51 -1.29
C ALA B 395 10.67 -24.49 -2.40
N PHE B 396 9.60 -24.02 -3.03
CA PHE B 396 9.70 -23.11 -4.20
C PHE B 396 10.28 -21.75 -3.78
N ALA B 397 9.81 -21.20 -2.68
CA ALA B 397 10.28 -19.92 -2.15
C ALA B 397 11.77 -19.98 -1.89
N LYS B 398 12.25 -21.07 -1.27
N LYS B 398 12.24 -21.07 -1.29
CA LYS B 398 13.69 -21.22 -0.98
CA LYS B 398 13.70 -21.18 -1.01
C LYS B 398 14.49 -21.21 -2.29
C LYS B 398 14.47 -21.20 -2.33
N ARG B 399 14.02 -21.94 -3.30
N ARG B 399 14.00 -21.95 -3.31
CA ARG B 399 14.76 -22.04 -4.59
CA ARG B 399 14.71 -22.07 -4.62
C ARG B 399 14.79 -20.68 -5.27
C ARG B 399 14.79 -20.68 -5.27
N VAL B 400 13.68 -19.93 -5.24
CA VAL B 400 13.63 -18.60 -5.89
C VAL B 400 14.65 -17.68 -5.19
N GLY B 401 14.67 -17.68 -3.86
CA GLY B 401 15.60 -16.79 -3.14
C GLY B 401 17.06 -17.18 -3.36
N ASP B 402 17.32 -18.48 -3.41
CA ASP B 402 18.70 -18.97 -3.62
C ASP B 402 19.23 -18.50 -4.97
N VAL B 403 18.38 -18.42 -5.97
CA VAL B 403 18.74 -17.92 -7.32
C VAL B 403 18.94 -16.40 -7.28
N VAL B 404 17.95 -15.68 -6.76
CA VAL B 404 17.90 -14.21 -6.95
C VAL B 404 18.84 -13.53 -5.97
N PHE B 405 18.90 -13.97 -4.73
CA PHE B 405 19.60 -13.21 -3.68
C PHE B 405 21.10 -13.47 -3.67
N THR B 406 21.61 -14.31 -4.60
CA THR B 406 23.09 -14.45 -4.70
C THR B 406 23.56 -13.91 -6.05
N GLN B 407 22.78 -13.08 -6.68
CA GLN B 407 23.11 -12.42 -7.95
C GLN B 407 23.06 -10.91 -7.75
N LYS B 408 23.90 -10.20 -8.50
CA LYS B 408 23.93 -8.74 -8.45
C LYS B 408 22.52 -8.17 -8.67
N VAL B 409 21.75 -8.68 -9.60
CA VAL B 409 20.42 -8.06 -9.92
C VAL B 409 19.51 -8.11 -8.68
N GLY B 410 19.75 -9.03 -7.74
CA GLY B 410 18.91 -9.13 -6.53
C GLY B 410 19.46 -8.35 -5.37
N TYR B 411 20.60 -7.67 -5.49
CA TYR B 411 21.28 -7.07 -4.32
C TYR B 411 20.42 -6.06 -3.54
N MET B 412 19.77 -5.16 -4.25
CA MET B 412 19.03 -4.07 -3.58
C MET B 412 17.66 -4.51 -3.08
N ILE B 413 17.23 -5.70 -3.45
CA ILE B 413 15.86 -6.19 -3.16
C ILE B 413 15.90 -7.09 -1.96
N HIS B 414 15.12 -6.77 -0.92
CA HIS B 414 15.08 -7.52 0.34
C HIS B 414 13.84 -8.40 0.49
N ARG B 415 12.78 -8.15 -0.27
N ARG B 415 12.76 -8.11 -0.21
CA ARG B 415 11.54 -8.97 -0.15
CA ARG B 415 11.55 -8.97 -0.15
C ARG B 415 11.04 -9.30 -1.56
C ARG B 415 11.14 -9.29 -1.58
N LEU B 416 11.02 -10.59 -1.87
CA LEU B 416 10.36 -11.09 -3.08
C LEU B 416 9.00 -11.62 -2.66
N ILE B 417 7.99 -11.25 -3.39
CA ILE B 417 6.62 -11.76 -3.14
C ILE B 417 6.21 -12.57 -4.35
N LEU B 418 5.95 -13.86 -4.13
CA LEU B 418 5.49 -14.77 -5.22
C LEU B 418 3.98 -14.70 -5.26
N VAL B 419 3.40 -14.38 -6.40
CA VAL B 419 1.94 -14.31 -6.60
C VAL B 419 1.54 -15.12 -7.82
N GLY B 420 0.32 -15.61 -7.82
CA GLY B 420 -0.21 -16.36 -8.95
C GLY B 420 -0.62 -15.45 -10.10
N ASP B 421 -1.05 -16.03 -11.19
CA ASP B 421 -1.28 -15.25 -12.44
C ASP B 421 -2.68 -14.65 -12.47
N ASP B 422 -3.40 -14.60 -11.37
CA ASP B 422 -4.60 -13.73 -11.25
C ASP B 422 -4.25 -12.38 -10.62
N ILE B 423 -3.00 -12.15 -10.28
CA ILE B 423 -2.55 -10.89 -9.63
C ILE B 423 -1.78 -10.07 -10.65
N ASP B 424 -2.16 -8.81 -10.78
CA ASP B 424 -1.38 -7.88 -11.64
C ASP B 424 -0.20 -7.35 -10.83
N VAL B 425 1.01 -7.80 -11.08
CA VAL B 425 2.19 -7.41 -10.27
C VAL B 425 2.49 -5.92 -10.49
N TYR B 426 1.97 -5.32 -11.55
CA TYR B 426 2.17 -3.87 -11.80
C TYR B 426 1.23 -2.99 -10.99
N ASP B 427 0.30 -3.57 -10.23
CA ASP B 427 -0.76 -2.86 -9.46
C ASP B 427 -0.46 -3.10 -7.99
N ASP B 428 0.05 -2.10 -7.27
CA ASP B 428 0.38 -2.23 -5.85
C ASP B 428 -0.85 -2.73 -5.09
N LYS B 429 -2.06 -2.34 -5.45
CA LYS B 429 -3.25 -2.77 -4.67
C LYS B 429 -3.38 -4.29 -4.78
N ASP B 430 -3.22 -4.87 -5.97
CA ASP B 430 -3.36 -6.34 -6.14
C ASP B 430 -2.23 -7.04 -5.42
N VAL B 431 -1.02 -6.53 -5.49
CA VAL B 431 0.12 -7.15 -4.78
C VAL B 431 -0.13 -7.14 -3.29
N MET B 432 -0.57 -6.02 -2.73
CA MET B 432 -0.81 -5.96 -1.30
C MET B 432 -1.95 -6.88 -0.90
N TRP B 433 -3.00 -6.94 -1.71
CA TRP B 433 -4.13 -7.84 -1.42
C TRP B 433 -3.64 -9.28 -1.36
N ALA B 434 -2.84 -9.70 -2.33
CA ALA B 434 -2.32 -11.06 -2.35
C ALA B 434 -1.40 -11.28 -1.17
N PHE B 435 -0.49 -10.37 -0.88
CA PHE B 435 0.46 -10.50 0.23
C PHE B 435 -0.30 -10.63 1.55
N ALA B 436 -1.27 -9.78 1.75
CA ALA B 436 -1.98 -9.76 3.04
C ALA B 436 -2.90 -10.95 3.24
N THR B 437 -3.36 -11.58 2.18
CA THR B 437 -4.41 -12.61 2.32
C THR B 437 -3.92 -14.00 1.90
N ARG B 438 -2.77 -14.14 1.25
CA ARG B 438 -2.33 -15.45 0.70
C ARG B 438 -1.01 -15.88 1.30
N CYS B 439 -0.26 -15.05 2.00
CA CYS B 439 1.01 -15.40 2.63
C CYS B 439 0.86 -15.40 4.15
N ARG B 440 0.84 -16.59 4.73
CA ARG B 440 0.77 -16.71 6.18
C ARG B 440 2.08 -16.26 6.76
N PRO B 441 2.12 -15.19 7.59
CA PRO B 441 3.40 -14.68 8.08
C PRO B 441 4.24 -15.75 8.75
N GLY B 442 5.53 -15.81 8.40
CA GLY B 442 6.44 -16.79 8.99
C GLY B 442 6.31 -18.13 8.32
N THR B 443 5.15 -18.74 8.48
CA THR B 443 4.87 -20.08 7.91
C THR B 443 5.21 -20.12 6.42
N ASP B 444 4.77 -19.11 5.68
CA ASP B 444 4.88 -19.08 4.21
C ASP B 444 6.04 -18.20 3.76
N GLU B 445 7.02 -18.02 4.62
CA GLU B 445 8.17 -17.15 4.29
C GLU B 445 9.46 -17.91 4.49
N VAL B 446 10.41 -17.64 3.61
CA VAL B 446 11.78 -18.18 3.77
C VAL B 446 12.71 -17.02 3.96
N PHE B 447 13.41 -16.99 5.07
CA PHE B 447 14.32 -15.91 5.43
C PHE B 447 15.75 -16.27 5.01
N PHE B 448 16.50 -15.27 4.57
CA PHE B 448 17.89 -15.45 4.06
C PHE B 448 18.80 -14.58 4.89
N ASP B 449 19.56 -15.22 5.78
CA ASP B 449 20.46 -14.57 6.76
C ASP B 449 21.86 -14.38 6.22
N ASP B 450 22.23 -15.10 5.17
CA ASP B 450 23.66 -15.27 4.79
C ASP B 450 23.98 -14.57 3.48
N VAL B 451 23.00 -14.01 2.78
CA VAL B 451 23.19 -13.40 1.44
C VAL B 451 23.64 -11.96 1.63
N PRO B 452 24.23 -11.33 0.59
CA PRO B 452 24.55 -9.91 0.66
C PRO B 452 23.29 -9.07 0.92
N GLY B 453 23.44 -8.17 1.86
CA GLY B 453 22.37 -7.27 2.29
C GLY B 453 22.67 -5.86 1.89
N PHE B 454 21.67 -5.11 1.51
CA PHE B 454 21.86 -3.73 1.00
C PHE B 454 21.92 -2.76 2.17
N TRP B 455 23.12 -2.37 2.54
CA TRP B 455 23.39 -1.60 3.75
C TRP B 455 22.69 -0.26 3.74
N LEU B 456 22.35 0.31 2.60
N LEU B 456 22.41 0.32 2.58
CA LEU B 456 21.75 1.67 2.53
CA LEU B 456 21.74 1.64 2.47
C LEU B 456 20.36 1.68 3.20
C LEU B 456 20.49 1.60 3.34
N ILE B 457 19.68 0.54 3.22
CA ILE B 457 18.34 0.49 3.86
C ILE B 457 18.53 0.73 5.35
N PRO B 458 17.76 1.64 5.97
CA PRO B 458 17.98 1.93 7.38
C PRO B 458 18.02 0.72 8.31
N TYR B 459 17.09 -0.23 8.09
CA TYR B 459 17.03 -1.38 9.01
C TYR B 459 18.26 -2.27 8.85
N MET B 460 19.11 -1.97 7.87
CA MET B 460 20.42 -2.68 7.70
C MET B 460 21.52 -1.88 8.39
N SER B 461 21.90 -0.71 7.87
CA SER B 461 23.00 0.13 8.38
C SER B 461 22.74 0.60 9.80
N HIS B 462 21.49 0.86 10.13
CA HIS B 462 21.09 1.43 11.43
C HIS B 462 20.16 0.47 12.17
N GLY B 463 20.42 -0.81 12.00
CA GLY B 463 19.52 -1.84 12.54
C GLY B 463 20.19 -2.78 13.52
N ASN B 464 19.54 -3.91 13.73
CA ASN B 464 19.84 -4.84 14.85
C ASN B 464 20.76 -5.97 14.43
N ALA B 465 21.16 -6.07 13.17
CA ALA B 465 22.05 -7.16 12.72
C ALA B 465 23.04 -6.64 11.69
N GLU B 466 23.78 -7.53 11.07
CA GLU B 466 24.93 -7.08 10.23
C GLU B 466 24.43 -6.14 9.13
N ALA B 467 25.12 -5.02 8.93
CA ALA B 467 24.67 -4.07 7.90
C ALA B 467 24.76 -4.65 6.49
N ILE B 468 25.69 -5.57 6.23
CA ILE B 468 25.97 -5.99 4.84
C ILE B 468 25.52 -7.40 4.54
N LYS B 469 24.81 -8.04 5.47
CA LYS B 469 24.50 -9.47 5.33
C LYS B 469 23.07 -9.74 5.86
N GLY B 470 22.33 -10.49 5.07
CA GLY B 470 21.03 -11.04 5.45
C GLY B 470 19.95 -9.97 5.42
N GLY B 471 18.86 -10.26 6.12
CA GLY B 471 17.67 -9.38 6.18
C GLY B 471 16.77 -9.52 4.98
N LYS B 472 16.79 -10.64 4.28
CA LYS B 472 15.98 -10.89 3.10
C LYS B 472 14.95 -11.99 3.33
N VAL B 473 13.94 -12.00 2.49
CA VAL B 473 12.79 -12.91 2.59
C VAL B 473 12.19 -13.15 1.22
N VAL B 474 11.75 -14.40 1.01
CA VAL B 474 10.78 -14.71 -0.05
C VAL B 474 9.45 -15.07 0.60
N SER B 475 8.41 -14.33 0.24
CA SER B 475 7.05 -14.48 0.76
C SER B 475 6.23 -15.24 -0.26
N ASP B 476 5.79 -16.45 0.08
CA ASP B 476 4.91 -17.26 -0.79
C ASP B 476 3.48 -16.77 -0.67
N ALA B 477 3.02 -15.93 -1.58
CA ALA B 477 1.64 -15.45 -1.63
C ALA B 477 0.89 -16.18 -2.72
N LEU B 478 1.22 -17.44 -2.95
CA LEU B 478 0.31 -18.36 -3.65
C LEU B 478 -0.43 -19.20 -2.60
N LEU B 479 -1.73 -19.36 -2.74
CA LEU B 479 -2.48 -20.24 -1.85
C LEU B 479 -2.11 -21.69 -2.13
N THR B 480 -2.28 -22.52 -1.13
CA THR B 480 -1.80 -23.93 -1.16
C THR B 480 -2.31 -24.66 -2.40
N ALA B 481 -3.58 -24.54 -2.79
CA ALA B 481 -4.15 -25.29 -3.91
C ALA B 481 -3.52 -24.85 -5.23
N GLU B 482 -2.95 -23.65 -5.30
CA GLU B 482 -2.34 -23.18 -6.57
C GLU B 482 -1.20 -24.12 -6.95
N TYR B 483 -0.56 -24.80 -6.01
CA TYR B 483 0.58 -25.71 -6.31
C TYR B 483 0.06 -27.07 -6.76
N THR B 484 -1.20 -27.40 -6.52
CA THR B 484 -1.66 -28.81 -6.61
C THR B 484 -2.73 -28.85 -7.69
N THR B 485 -3.96 -28.52 -7.34
CA THR B 485 -5.14 -28.74 -8.21
C THR B 485 -5.66 -27.48 -8.87
N GLY B 486 -5.28 -26.30 -8.38
CA GLY B 486 -5.64 -25.06 -9.06
C GLY B 486 -6.47 -24.11 -8.20
N LYS B 487 -6.59 -22.90 -8.68
N LYS B 487 -6.66 -22.92 -8.74
CA LYS B 487 -7.35 -21.84 -7.97
CA LYS B 487 -7.50 -21.85 -8.15
C LYS B 487 -8.81 -22.28 -7.80
C LYS B 487 -8.84 -22.44 -7.79
N ASP B 488 -9.29 -22.22 -6.56
CA ASP B 488 -10.60 -22.75 -6.14
C ASP B 488 -11.44 -21.66 -5.49
N TRP B 489 -11.07 -20.39 -5.63
CA TRP B 489 -11.89 -19.27 -5.10
C TRP B 489 -12.31 -18.39 -6.28
N GLU B 490 -13.21 -17.44 -6.03
CA GLU B 490 -13.36 -16.32 -6.96
C GLU B 490 -13.37 -15.04 -6.12
N SER B 491 -12.84 -14.00 -6.71
CA SER B 491 -12.75 -12.70 -6.02
C SER B 491 -14.15 -12.19 -5.72
N ALA B 492 -14.32 -11.59 -4.54
CA ALA B 492 -15.54 -10.89 -4.13
C ALA B 492 -15.42 -9.44 -4.60
N ASP B 493 -15.42 -9.27 -5.91
CA ASP B 493 -15.34 -7.94 -6.55
C ASP B 493 -16.32 -7.87 -7.72
N PHE B 494 -16.54 -6.66 -8.19
CA PHE B 494 -17.48 -6.41 -9.28
C PHE B 494 -17.16 -7.30 -10.50
N LYS B 495 -15.88 -7.37 -10.84
CA LYS B 495 -15.39 -8.10 -12.04
C LYS B 495 -15.73 -9.59 -11.97
N ASN B 496 -15.65 -10.21 -10.79
CA ASN B 496 -15.62 -11.67 -10.69
C ASN B 496 -16.82 -12.24 -9.95
N SER B 497 -17.60 -11.45 -9.22
CA SER B 497 -18.70 -12.02 -8.39
C SER B 497 -20.09 -11.74 -8.96
N TYR B 498 -20.17 -11.23 -10.19
CA TYR B 498 -21.45 -10.91 -10.85
C TYR B 498 -21.35 -11.27 -12.32
N PRO B 499 -22.42 -11.84 -12.90
CA PRO B 499 -22.35 -12.25 -14.31
C PRO B 499 -22.24 -11.03 -15.21
N LYS B 500 -21.75 -11.27 -16.44
CA LYS B 500 -21.60 -10.21 -17.47
C LYS B 500 -22.95 -9.54 -17.71
N SER B 501 -24.06 -10.27 -17.77
CA SER B 501 -25.40 -9.68 -18.02
C SER B 501 -25.68 -8.61 -16.95
N ILE B 502 -25.35 -8.90 -15.70
CA ILE B 502 -25.61 -7.95 -14.57
C ILE B 502 -24.59 -6.81 -14.66
N GLN B 503 -23.32 -7.10 -14.87
CA GLN B 503 -22.25 -6.08 -14.99
C GLN B 503 -22.67 -5.06 -16.06
N ASP B 504 -23.14 -5.55 -17.20
CA ASP B 504 -23.51 -4.64 -18.32
C ASP B 504 -24.78 -3.87 -17.96
N LYS B 505 -25.79 -4.46 -17.34
CA LYS B 505 -27.02 -3.74 -16.95
C LYS B 505 -26.59 -2.57 -16.04
N VAL B 506 -25.66 -2.83 -15.10
CA VAL B 506 -25.17 -1.79 -14.14
C VAL B 506 -24.37 -0.72 -14.89
N LEU B 507 -23.36 -1.10 -15.67
CA LEU B 507 -22.50 -0.12 -16.35
C LEU B 507 -23.38 0.71 -17.31
N ASN B 508 -24.46 0.16 -17.90
CA ASN B 508 -25.31 0.91 -18.88
C ASN B 508 -26.25 1.88 -18.14
N SER B 509 -26.54 1.65 -16.86
CA SER B 509 -27.47 2.47 -16.03
C SER B 509 -26.66 3.51 -15.20
N TRP B 510 -25.35 3.37 -15.09
CA TRP B 510 -24.51 3.92 -13.97
C TRP B 510 -24.67 5.44 -13.88
N GLU B 511 -24.29 6.15 -14.95
CA GLU B 511 -24.40 7.63 -14.98
C GLU B 511 -25.87 8.07 -14.97
N ARG B 512 -26.80 7.41 -15.69
CA ARG B 512 -28.23 7.82 -15.72
C ARG B 512 -28.79 7.80 -14.28
N LEU B 513 -28.38 6.81 -13.47
CA LEU B 513 -28.93 6.67 -12.09
C LEU B 513 -28.35 7.74 -11.17
N GLY B 514 -27.21 8.34 -11.50
CA GLY B 514 -26.63 9.43 -10.71
C GLY B 514 -25.25 9.12 -10.14
N PHE B 515 -24.57 8.04 -10.55
CA PHE B 515 -23.21 7.71 -10.07
C PHE B 515 -22.15 8.44 -10.90
N LYS B 516 -20.94 8.55 -10.38
CA LYS B 516 -19.84 9.26 -11.08
C LYS B 516 -19.44 8.48 -12.36
C ACT C . -35.79 -25.25 25.25
O ACT C . -34.84 -25.73 25.90
OXT ACT C . -35.72 -24.82 24.04
CH3 ACT C . -37.15 -25.15 25.93
C ACT D . -37.03 7.95 3.28
O ACT D . -37.56 7.13 4.02
OXT ACT D . -35.93 7.81 2.91
CH3 ACT D . -37.86 9.16 2.81
C ACT E . -13.37 -23.62 11.85
O ACT E . -13.31 -23.33 13.05
OXT ACT E . -12.39 -23.94 11.12
CH3 ACT E . -14.73 -23.57 11.19
C ACT F . -27.83 15.30 24.56
O ACT F . -26.70 14.88 24.89
OXT ACT F . -28.08 15.83 23.46
CH3 ACT F . -28.98 15.16 25.52
O9 JRH G . -17.78 -8.35 20.53
C7 JRH G . -18.54 -10.61 12.10
O8 JRH G . -19.13 -10.43 20.03
C5 JRH G . -19.49 -6.22 10.16
N1 JRH G . -18.43 -9.21 12.13
C4 JRH G . -19.99 -6.79 9.00
C2 JRH G . -19.45 -9.00 9.92
N3 JRH G . -18.23 -11.26 13.19
C1 JRH G . -18.96 -8.41 11.08
C3 JRH G . -19.96 -8.21 8.87
C6 JRH G . -19.02 -7.03 11.20
C8 JRH G . -18.83 -11.24 10.79
N2 JRH G . -19.47 -10.43 9.78
C9 JRH G . -18.54 -12.56 13.20
N4 JRH G . -19.19 -13.15 12.19
C10 JRH G . -19.56 -12.52 11.05
C11 JRH G . -19.08 -10.95 8.46
C12 JRH G . -19.52 -10.05 7.32
C13 JRH G . -20.54 -8.98 7.67
C14 JRH G . -19.39 -4.72 10.31
C15 JRH G . -20.53 -5.86 7.97
C16 JRH G . -21.87 -9.61 8.12
C17 JRH G . -20.79 -8.24 6.35
O1 JRH G . -18.42 -13.20 14.24
O2 JRH G . -20.32 -13.06 10.26
C18 JRH G . -17.60 -8.63 13.19
C19 JRH G . -18.31 -8.52 14.55
O3 JRH G . -19.50 -7.73 14.44
C20 JRH G . -17.39 -7.90 15.59
C21 JRH G . -18.06 -7.59 16.93
O4 JRH G . -17.04 -7.11 17.82
O5 JRH G . -16.30 -8.81 15.75
C22 JRH G . -18.71 -8.79 17.57
O6 JRH G . -19.44 -8.30 18.72
P1 JRH G . -19.12 -8.92 20.16
O7 JRH G . -20.22 -8.33 21.02
C23 JRH G . -17.48 -11.72 10.02
C24 JRH G . -17.59 -11.17 8.59
C25 JRH G . -16.14 -11.35 10.62
K K H . 13.40 -2.38 13.48
K K I . -20.34 -5.71 19.91
MN MN J . -20.28 -7.71 23.06
C ACT K . 40.35 -6.74 -17.81
O ACT K . 39.87 -6.91 -16.67
OXT ACT K . 41.57 -6.88 -18.05
CH3 ACT K . 39.52 -6.16 -18.75
C ACT L . 15.09 24.12 -24.16
O ACT L . 14.60 24.80 -23.31
OXT ACT L . 16.27 23.89 -24.24
CH3 ACT L . 14.18 23.53 -25.15
O9 JRH M . 26.71 -1.31 -12.47
C7 JRH M . 22.84 3.76 -7.80
O8 JRH M . 26.37 -1.11 -14.99
C5 JRH M . 19.37 6.10 -10.24
N1 JRH M . 21.84 3.75 -8.72
C4 JRH M . 19.57 7.25 -9.47
C2 JRH M . 21.24 6.06 -8.15
N3 JRH M . 23.67 2.76 -7.73
C1 JRH M . 21.09 4.90 -8.98
C3 JRH M . 20.48 7.23 -8.40
C6 JRH M . 20.16 4.98 -10.03
C8 JRH M . 22.94 4.87 -6.76
N2 JRH M . 22.19 6.06 -7.14
C9 JRH M . 24.84 2.94 -7.14
N4 JRH M . 25.14 4.03 -6.43
C10 JRH M . 24.35 5.12 -6.43
C11 JRH M . 21.85 6.70 -5.84
C12 JRH M . 20.87 7.83 -6.04
C13 JRH M . 20.79 8.40 -7.48
C14 JRH M . 18.33 6.05 -11.29
C15 JRH M . 18.68 8.44 -9.78
C16 JRH M . 22.15 9.00 -7.88
C17 JRH M . 19.79 9.56 -7.36
O1 JRH M . 25.75 2.14 -7.26
O2 JRH M . 24.76 6.16 -5.99
C18 JRH M . 21.49 2.47 -9.37
C19 JRH M . 22.42 2.05 -10.49
O3 JRH M . 22.44 3.02 -11.51
C20 JRH M . 21.94 0.72 -11.06
C21 JRH M . 22.72 0.29 -12.32
O4 JRH M . 22.28 -1.00 -12.72
O5 JRH M . 22.12 -0.29 -10.01
C22 JRH M . 24.20 0.27 -12.15
O6 JRH M . 24.83 0.00 -13.47
P1 JRH M . 25.77 -1.30 -13.57
O7 JRH M . 24.82 -2.44 -13.55
C23 JRH M . 22.23 4.40 -5.38
C24 JRH M . 21.24 5.53 -5.08
C25 JRH M . 21.52 3.07 -5.29
K K N . 0.89 -19.14 0.79
K K O . 24.00 -0.06 -16.30
MN MN P . 26.88 -2.43 -16.51
#